data_6UGJ
# 
_entry.id   6UGJ 
# 
_audit_conform.dict_name       mmcif_pdbx.dic 
_audit_conform.dict_version    5.389 
_audit_conform.dict_location   http://mmcif.pdb.org/dictionaries/ascii/mmcif_pdbx.dic 
# 
loop_
_database_2.database_id 
_database_2.database_code 
_database_2.pdbx_database_accession 
_database_2.pdbx_DOI 
PDB   6UGJ         pdb_00006ugj 10.2210/pdb6ugj/pdb 
WWPDB D_1000244561 ?            ?                   
# 
loop_
_pdbx_audit_revision_history.ordinal 
_pdbx_audit_revision_history.data_content_type 
_pdbx_audit_revision_history.major_revision 
_pdbx_audit_revision_history.minor_revision 
_pdbx_audit_revision_history.revision_date 
1 'Structure model' 1 0 2020-01-01 
2 'Structure model' 1 1 2020-03-04 
3 'Structure model' 1 2 2024-03-13 
4 'Structure model' 1 3 2024-04-03 
# 
_pdbx_audit_revision_details.ordinal             1 
_pdbx_audit_revision_details.revision_ordinal    1 
_pdbx_audit_revision_details.data_content_type   'Structure model' 
_pdbx_audit_revision_details.provider            repository 
_pdbx_audit_revision_details.type                'Initial release' 
_pdbx_audit_revision_details.description         ? 
_pdbx_audit_revision_details.details             ? 
# 
loop_
_pdbx_audit_revision_group.ordinal 
_pdbx_audit_revision_group.revision_ordinal 
_pdbx_audit_revision_group.data_content_type 
_pdbx_audit_revision_group.group 
1 2 'Structure model' 'Database references'    
2 3 'Structure model' 'Data collection'        
3 3 'Structure model' 'Database references'    
4 4 'Structure model' 'Refinement description' 
# 
loop_
_pdbx_audit_revision_category.ordinal 
_pdbx_audit_revision_category.revision_ordinal 
_pdbx_audit_revision_category.data_content_type 
_pdbx_audit_revision_category.category 
1 2 'Structure model' citation                      
2 2 'Structure model' citation_author               
3 3 'Structure model' chem_comp_atom                
4 3 'Structure model' chem_comp_bond                
5 3 'Structure model' database_2                    
6 4 'Structure model' pdbx_initial_refinement_model 
# 
loop_
_pdbx_audit_revision_item.ordinal 
_pdbx_audit_revision_item.revision_ordinal 
_pdbx_audit_revision_item.data_content_type 
_pdbx_audit_revision_item.item 
1 2 'Structure model' '_citation.journal_volume'            
2 2 'Structure model' '_citation.page_first'                
3 2 'Structure model' '_citation.page_last'                 
4 2 'Structure model' '_citation.year'                      
5 2 'Structure model' '_citation_author.identifier_ORCID'   
6 3 'Structure model' '_database_2.pdbx_DOI'                
7 3 'Structure model' '_database_2.pdbx_database_accession' 
# 
_pdbx_database_status.status_code                     REL 
_pdbx_database_status.status_code_sf                  REL 
_pdbx_database_status.status_code_mr                  ? 
_pdbx_database_status.entry_id                        6UGJ 
_pdbx_database_status.recvd_initial_deposition_date   2019-09-26 
_pdbx_database_status.SG_entry                        N 
_pdbx_database_status.deposit_site                    RCSB 
_pdbx_database_status.process_site                    RCSB 
_pdbx_database_status.status_code_cs                  ? 
_pdbx_database_status.methods_development_category    ? 
_pdbx_database_status.pdb_format_compatible           Y 
_pdbx_database_status.status_code_nmr_data            ? 
# 
loop_
_audit_author.name 
_audit_author.pdbx_ordinal 
_audit_author.identifier_ORCID 
'Chan, C.W.'    1 0000-0001-5472-4803 
'Mondragon, A.' 2 0000-0002-0423-6323 
# 
_citation.abstract                  ? 
_citation.abstract_id_CAS           ? 
_citation.book_id_ISBN              ? 
_citation.book_publisher            ? 
_citation.book_publisher_city       ? 
_citation.book_title                ? 
_citation.coordinate_linkage        ? 
_citation.country                   UK 
_citation.database_id_Medline       ? 
_citation.details                   ? 
_citation.id                        primary 
_citation.journal_abbrev            Rna 
_citation.journal_id_ASTM           RNARFU 
_citation.journal_id_CSD            2122 
_citation.journal_id_ISSN           1469-9001 
_citation.journal_full              ? 
_citation.journal_issue             ? 
_citation.journal_volume            26 
_citation.language                  ? 
_citation.page_first                278 
_citation.page_last                 289 
_citation.title                     
;Crystal structures of an unmodified bacterial tRNA reveal intrinsic structural flexibility and plasticity as general properties of unbound tRNAs.
;
_citation.year                      2020 
_citation.database_id_CSD           ? 
_citation.pdbx_database_id_DOI      10.1261/rna.073478.119 
_citation.pdbx_database_id_PubMed   31848215 
_citation.unpublished_flag          ? 
# 
loop_
_citation_author.citation_id 
_citation_author.name 
_citation_author.ordinal 
_citation_author.identifier_ORCID 
primary 'Chan, C.W.'    1 ? 
primary 'Badong, D.'    2 ? 
primary 'Rajan, R.'     3 ? 
primary 'Mondragon, A.' 4 ? 
# 
loop_
_entity.id 
_entity.type 
_entity.src_method 
_entity.pdbx_description 
_entity.formula_weight 
_entity.pdbx_number_of_molecules 
_entity.pdbx_ec 
_entity.pdbx_mutation 
_entity.pdbx_fragment 
_entity.details 
1 polymer     syn 'tRNA(Asp) acceptor stem/T stem-loop' 9989.942 1  ? ? ? ? 
2 non-polymer syn 'SULFATE ION'                         96.063   1  ? ? ? ? 
3 non-polymer syn URACIL                                112.087  1  ? ? ? ? 
4 non-polymer syn DIPHOSPHATE                           173.943  1  ? ? ? ? 
5 water       nat water                                 18.015   70 ? ? ? ? 
# 
_entity_poly.entity_id                      1 
_entity_poly.type                           polyribonucleotide 
_entity_poly.nstd_linkage                   no 
_entity_poly.nstd_monomer                   no 
_entity_poly.pdbx_seq_one_letter_code       GGAGCGGGCGGGUUCGAGUCCCGUCCGUUCC 
_entity_poly.pdbx_seq_one_letter_code_can   GGAGCGGGCGGGUUCGAGUCCCGUCCGUUCC 
_entity_poly.pdbx_strand_id                 A 
_entity_poly.pdbx_target_identifier         ? 
# 
loop_
_pdbx_entity_nonpoly.entity_id 
_pdbx_entity_nonpoly.name 
_pdbx_entity_nonpoly.comp_id 
2 'SULFATE ION' SO4 
3 URACIL        URA 
4 DIPHOSPHATE   DPO 
5 water         HOH 
# 
loop_
_entity_poly_seq.entity_id 
_entity_poly_seq.num 
_entity_poly_seq.mon_id 
_entity_poly_seq.hetero 
1 1  G n 
1 2  G n 
1 3  A n 
1 4  G n 
1 5  C n 
1 6  G n 
1 7  G n 
1 8  G n 
1 9  C n 
1 10 G n 
1 11 G n 
1 12 G n 
1 13 U n 
1 14 U n 
1 15 C n 
1 16 G n 
1 17 A n 
1 18 G n 
1 19 U n 
1 20 C n 
1 21 C n 
1 22 C n 
1 23 G n 
1 24 U n 
1 25 C n 
1 26 C n 
1 27 G n 
1 28 U n 
1 29 U n 
1 30 C n 
1 31 C n 
# 
_pdbx_entity_src_syn.entity_id              1 
_pdbx_entity_src_syn.pdbx_src_id            1 
_pdbx_entity_src_syn.pdbx_alt_source_flag   sample 
_pdbx_entity_src_syn.pdbx_beg_seq_num       1 
_pdbx_entity_src_syn.pdbx_end_seq_num       31 
_pdbx_entity_src_syn.organism_scientific    'Escherichia coli' 
_pdbx_entity_src_syn.organism_common_name   ? 
_pdbx_entity_src_syn.ncbi_taxonomy_id       562 
_pdbx_entity_src_syn.details                ? 
# 
loop_
_chem_comp.id 
_chem_comp.type 
_chem_comp.mon_nstd_flag 
_chem_comp.name 
_chem_comp.pdbx_synonyms 
_chem_comp.formula 
_chem_comp.formula_weight 
A   'RNA linking' y "ADENOSINE-5'-MONOPHOSPHATE" ? 'C10 H14 N5 O7 P' 347.221 
C   'RNA linking' y "CYTIDINE-5'-MONOPHOSPHATE"  ? 'C9 H14 N3 O8 P'  323.197 
DPO non-polymer   . DIPHOSPHATE                  ? 'O7 P2 -4'        173.943 
G   'RNA linking' y "GUANOSINE-5'-MONOPHOSPHATE" ? 'C10 H14 N5 O8 P' 363.221 
HOH non-polymer   . WATER                        ? 'H2 O'            18.015  
SO4 non-polymer   . 'SULFATE ION'                ? 'O4 S -2'         96.063  
U   'RNA linking' y "URIDINE-5'-MONOPHOSPHATE"   ? 'C9 H13 N2 O9 P'  324.181 
URA non-polymer   . URACIL                       ? 'C4 H4 N2 O2'     112.087 
# 
loop_
_pdbx_poly_seq_scheme.asym_id 
_pdbx_poly_seq_scheme.entity_id 
_pdbx_poly_seq_scheme.seq_id 
_pdbx_poly_seq_scheme.mon_id 
_pdbx_poly_seq_scheme.ndb_seq_num 
_pdbx_poly_seq_scheme.pdb_seq_num 
_pdbx_poly_seq_scheme.auth_seq_num 
_pdbx_poly_seq_scheme.pdb_mon_id 
_pdbx_poly_seq_scheme.auth_mon_id 
_pdbx_poly_seq_scheme.pdb_strand_id 
_pdbx_poly_seq_scheme.pdb_ins_code 
_pdbx_poly_seq_scheme.hetero 
A 1 1  G 1  1  1  G G A . n 
A 1 2  G 2  2  2  G G A . n 
A 1 3  A 3  3  3  A A A . n 
A 1 4  G 4  4  4  G G A . n 
A 1 5  C 5  5  5  C C A . n 
A 1 6  G 6  6  6  G G A . n 
A 1 7  G 7  7  7  G G A . n 
A 1 8  G 8  8  8  G G A . n 
A 1 9  C 9  9  9  C C A . n 
A 1 10 G 10 10 10 G G A . n 
A 1 11 G 11 11 11 G G A . n 
A 1 12 G 12 12 12 G G A . n 
A 1 13 U 13 13 13 U U A . n 
A 1 14 U 14 14 ?  ? ? A . n 
A 1 15 C 15 15 ?  ? ? A . n 
A 1 16 G 16 16 ?  ? ? A . n 
A 1 17 A 17 17 17 A A A . n 
A 1 18 G 18 18 18 G G A . n 
A 1 19 U 19 19 19 U U A . n 
A 1 20 C 20 20 20 C C A . n 
A 1 21 C 21 21 21 C C A . n 
A 1 22 C 22 22 22 C C A . n 
A 1 23 G 23 23 23 G G A . n 
A 1 24 U 24 24 24 U U A . n 
A 1 25 C 25 25 25 C C A . n 
A 1 26 C 26 26 26 C C A . n 
A 1 27 G 27 27 27 G G A . n 
A 1 28 U 28 28 28 U U A . n 
A 1 29 U 29 29 29 U U A . n 
A 1 30 C 30 30 30 C C A . n 
A 1 31 C 31 31 31 C C A . n 
# 
loop_
_pdbx_nonpoly_scheme.asym_id 
_pdbx_nonpoly_scheme.entity_id 
_pdbx_nonpoly_scheme.mon_id 
_pdbx_nonpoly_scheme.ndb_seq_num 
_pdbx_nonpoly_scheme.pdb_seq_num 
_pdbx_nonpoly_scheme.auth_seq_num 
_pdbx_nonpoly_scheme.pdb_mon_id 
_pdbx_nonpoly_scheme.auth_mon_id 
_pdbx_nonpoly_scheme.pdb_strand_id 
_pdbx_nonpoly_scheme.pdb_ins_code 
B 2 SO4 1  101 1  SO4 SO4 A . 
C 3 URA 1  102 1  URA URA A . 
D 4 DPO 1  103 1  DPO 3PO A . 
E 5 HOH 1  201 73 HOH HOH A . 
E 5 HOH 2  202 68 HOH HOH A . 
E 5 HOH 3  203 59 HOH HOH A . 
E 5 HOH 4  204 64 HOH HOH A . 
E 5 HOH 5  205 7  HOH HOH A . 
E 5 HOH 6  206 72 HOH HOH A . 
E 5 HOH 7  207 26 HOH HOH A . 
E 5 HOH 8  208 6  HOH HOH A . 
E 5 HOH 9  209 65 HOH HOH A . 
E 5 HOH 10 210 12 HOH HOH A . 
E 5 HOH 11 211 58 HOH HOH A . 
E 5 HOH 12 212 55 HOH HOH A . 
E 5 HOH 13 213 67 HOH HOH A . 
E 5 HOH 14 214 16 HOH HOH A . 
E 5 HOH 15 215 25 HOH HOH A . 
E 5 HOH 16 216 54 HOH HOH A . 
E 5 HOH 17 217 21 HOH HOH A . 
E 5 HOH 18 218 52 HOH HOH A . 
E 5 HOH 19 219 20 HOH HOH A . 
E 5 HOH 20 220 5  HOH HOH A . 
E 5 HOH 21 221 23 HOH HOH A . 
E 5 HOH 22 222 29 HOH HOH A . 
E 5 HOH 23 223 66 HOH HOH A . 
E 5 HOH 24 224 71 HOH HOH A . 
E 5 HOH 25 225 11 HOH HOH A . 
E 5 HOH 26 226 39 HOH HOH A . 
E 5 HOH 27 227 69 HOH HOH A . 
E 5 HOH 28 228 31 HOH HOH A . 
E 5 HOH 29 229 56 HOH HOH A . 
E 5 HOH 30 230 36 HOH HOH A . 
E 5 HOH 31 231 51 HOH HOH A . 
E 5 HOH 32 232 19 HOH HOH A . 
E 5 HOH 33 233 9  HOH HOH A . 
E 5 HOH 34 234 32 HOH HOH A . 
E 5 HOH 35 235 2  HOH HOH A . 
E 5 HOH 36 236 53 HOH HOH A . 
E 5 HOH 37 237 57 HOH HOH A . 
E 5 HOH 38 238 44 HOH HOH A . 
E 5 HOH 39 239 38 HOH HOH A . 
E 5 HOH 40 240 37 HOH HOH A . 
E 5 HOH 41 241 42 HOH HOH A . 
E 5 HOH 42 242 10 HOH HOH A . 
E 5 HOH 43 243 3  HOH HOH A . 
E 5 HOH 44 244 28 HOH HOH A . 
E 5 HOH 45 245 34 HOH HOH A . 
E 5 HOH 46 246 60 HOH HOH A . 
E 5 HOH 47 247 13 HOH HOH A . 
E 5 HOH 48 248 24 HOH HOH A . 
E 5 HOH 49 249 50 HOH HOH A . 
E 5 HOH 50 250 43 HOH HOH A . 
E 5 HOH 51 251 17 HOH HOH A . 
E 5 HOH 52 252 8  HOH HOH A . 
E 5 HOH 53 253 45 HOH HOH A . 
E 5 HOH 54 254 1  HOH HOH A . 
E 5 HOH 55 255 4  HOH HOH A . 
E 5 HOH 56 256 62 HOH HOH A . 
E 5 HOH 57 257 41 HOH HOH A . 
E 5 HOH 58 258 49 HOH HOH A . 
E 5 HOH 59 259 15 HOH HOH A . 
E 5 HOH 60 260 35 HOH HOH A . 
E 5 HOH 61 261 14 HOH HOH A . 
E 5 HOH 62 262 63 HOH HOH A . 
E 5 HOH 63 263 46 HOH HOH A . 
E 5 HOH 64 264 70 HOH HOH A . 
E 5 HOH 65 265 27 HOH HOH A . 
E 5 HOH 66 266 30 HOH HOH A . 
E 5 HOH 67 267 33 HOH HOH A . 
E 5 HOH 68 268 40 HOH HOH A . 
E 5 HOH 69 269 48 HOH HOH A . 
E 5 HOH 70 270 47 HOH HOH A . 
# 
loop_
_software.citation_id 
_software.classification 
_software.compiler_name 
_software.compiler_version 
_software.contact_author 
_software.contact_author_email 
_software.date 
_software.description 
_software.dependencies 
_software.hardware 
_software.language 
_software.location 
_software.mods 
_software.name 
_software.os 
_software.os_version 
_software.type 
_software.version 
_software.pdbx_ordinal 
? refinement        ? ? ? ? ? ? ? ? ? ? ? REFMAC      ? ? ? 5.8.0238 1 
? 'data extraction' ? ? ? ? ? ? ? ? ? ? ? PDB_EXTRACT ? ? ? 3.25     2 
? 'data reduction'  ? ? ? ? ? ? ? ? ? ? ? XDS         ? ? ? .        3 
? 'data scaling'    ? ? ? ? ? ? ? ? ? ? ? STARANISO   ? ? ? .        4 
? phasing           ? ? ? ? ? ? ? ? ? ? ? PHASER      ? ? ? .        5 
# 
_cell.angle_alpha                  90.000 
_cell.angle_alpha_esd              ? 
_cell.angle_beta                   90.000 
_cell.angle_beta_esd               ? 
_cell.angle_gamma                  120.000 
_cell.angle_gamma_esd              ? 
_cell.entry_id                     6UGJ 
_cell.details                      ? 
_cell.formula_units_Z              ? 
_cell.length_a                     43.845 
_cell.length_a_esd                 ? 
_cell.length_b                     43.845 
_cell.length_b_esd                 ? 
_cell.length_c                     259.285 
_cell.length_c_esd                 ? 
_cell.volume                       ? 
_cell.volume_esd                   ? 
_cell.Z_PDB                        18 
_cell.reciprocal_angle_alpha       ? 
_cell.reciprocal_angle_beta        ? 
_cell.reciprocal_angle_gamma       ? 
_cell.reciprocal_angle_alpha_esd   ? 
_cell.reciprocal_angle_beta_esd    ? 
_cell.reciprocal_angle_gamma_esd   ? 
_cell.reciprocal_length_a          ? 
_cell.reciprocal_length_b          ? 
_cell.reciprocal_length_c          ? 
_cell.reciprocal_length_a_esd      ? 
_cell.reciprocal_length_b_esd      ? 
_cell.reciprocal_length_c_esd      ? 
_cell.pdbx_unique_axis             ? 
# 
_symmetry.entry_id                         6UGJ 
_symmetry.cell_setting                     ? 
_symmetry.Int_Tables_number                155 
_symmetry.space_group_name_Hall            ? 
_symmetry.space_group_name_H-M             'H 3 2' 
_symmetry.pdbx_full_space_group_name_H-M   ? 
# 
_exptl.absorpt_coefficient_mu     ? 
_exptl.absorpt_correction_T_max   ? 
_exptl.absorpt_correction_T_min   ? 
_exptl.absorpt_correction_type    ? 
_exptl.absorpt_process_details    ? 
_exptl.entry_id                   6UGJ 
_exptl.crystals_number            1 
_exptl.details                    ? 
_exptl.method                     'X-RAY DIFFRACTION' 
_exptl.method_details             ? 
# 
_exptl_crystal.colour                      ? 
_exptl_crystal.density_diffrn              ? 
_exptl_crystal.density_Matthews            2.40 
_exptl_crystal.density_method              ? 
_exptl_crystal.density_percent_sol         48.76 
_exptl_crystal.description                 ? 
_exptl_crystal.F_000                       ? 
_exptl_crystal.id                          1 
_exptl_crystal.preparation                 ? 
_exptl_crystal.size_max                    ? 
_exptl_crystal.size_mid                    ? 
_exptl_crystal.size_min                    ? 
_exptl_crystal.size_rad                    ? 
_exptl_crystal.colour_lustre               ? 
_exptl_crystal.colour_modifier             ? 
_exptl_crystal.colour_primary              ? 
_exptl_crystal.density_meas                ? 
_exptl_crystal.density_meas_esd            ? 
_exptl_crystal.density_meas_gt             ? 
_exptl_crystal.density_meas_lt             ? 
_exptl_crystal.density_meas_temp           ? 
_exptl_crystal.density_meas_temp_esd       ? 
_exptl_crystal.density_meas_temp_gt        ? 
_exptl_crystal.density_meas_temp_lt        ? 
_exptl_crystal.pdbx_crystal_image_url      ? 
_exptl_crystal.pdbx_crystal_image_format   ? 
_exptl_crystal.pdbx_mosaicity              ? 
_exptl_crystal.pdbx_mosaicity_esd          ? 
# 
_exptl_crystal_grow.apparatus       ? 
_exptl_crystal_grow.atmosphere      ? 
_exptl_crystal_grow.crystal_id      1 
_exptl_crystal_grow.details         ? 
_exptl_crystal_grow.method          'VAPOR DIFFUSION, HANGING DROP' 
_exptl_crystal_grow.method_ref      ? 
_exptl_crystal_grow.pH              ? 
_exptl_crystal_grow.pressure        ? 
_exptl_crystal_grow.pressure_esd    ? 
_exptl_crystal_grow.seeding         ? 
_exptl_crystal_grow.seeding_ref     ? 
_exptl_crystal_grow.temp            287 
_exptl_crystal_grow.temp_details    ? 
_exptl_crystal_grow.temp_esd        ? 
_exptl_crystal_grow.time            ? 
_exptl_crystal_grow.pdbx_details    '2 M ammonium sulfate' 
_exptl_crystal_grow.pdbx_pH_range   ? 
# 
_diffrn.ambient_environment              ? 
_diffrn.ambient_temp                     100 
_diffrn.ambient_temp_details             
;Crystals were flash frozen with liquid nitrogen in crystallization well solution supplemented with either increased ammonium sulfate concentration or with 20% (v/v) glycerol for cryo-protection
;
_diffrn.ambient_temp_esd                 ? 
_diffrn.crystal_id                       1 
_diffrn.crystal_support                  ? 
_diffrn.crystal_treatment                ? 
_diffrn.details                          ? 
_diffrn.id                               1 
_diffrn.ambient_pressure                 ? 
_diffrn.ambient_pressure_esd             ? 
_diffrn.ambient_pressure_gt              ? 
_diffrn.ambient_pressure_lt              ? 
_diffrn.ambient_temp_gt                  ? 
_diffrn.ambient_temp_lt                  ? 
_diffrn.pdbx_serial_crystal_experiment   N 
# 
_diffrn_detector.details                      Monochromator 
_diffrn_detector.detector                     PIXEL 
_diffrn_detector.diffrn_id                    1 
_diffrn_detector.type                         'DECTRIS EIGER X 9M' 
_diffrn_detector.area_resol_mean              ? 
_diffrn_detector.dtime                        ? 
_diffrn_detector.pdbx_frames_total            ? 
_diffrn_detector.pdbx_collection_time_total   ? 
_diffrn_detector.pdbx_collection_date         2017-03-01 
_diffrn_detector.pdbx_frequency               ? 
# 
_diffrn_radiation.collimation                      ? 
_diffrn_radiation.diffrn_id                        1 
_diffrn_radiation.filter_edge                      ? 
_diffrn_radiation.inhomogeneity                    ? 
_diffrn_radiation.monochromator                    'Si(111)' 
_diffrn_radiation.polarisn_norm                    ? 
_diffrn_radiation.polarisn_ratio                   ? 
_diffrn_radiation.probe                            ? 
_diffrn_radiation.type                             ? 
_diffrn_radiation.xray_symbol                      ? 
_diffrn_radiation.wavelength_id                    1 
_diffrn_radiation.pdbx_monochromatic_or_laue_m_l   M 
_diffrn_radiation.pdbx_wavelength_list             ? 
_diffrn_radiation.pdbx_wavelength                  ? 
_diffrn_radiation.pdbx_diffrn_protocol             'SINGLE WAVELENGTH' 
_diffrn_radiation.pdbx_analyzer                    ? 
_diffrn_radiation.pdbx_scattering_type             x-ray 
# 
_diffrn_radiation_wavelength.id           1 
_diffrn_radiation_wavelength.wavelength   0.97620 
_diffrn_radiation_wavelength.wt           1.0 
# 
_diffrn_source.current                     ? 
_diffrn_source.details                     ? 
_diffrn_source.diffrn_id                   1 
_diffrn_source.power                       ? 
_diffrn_source.size                        ? 
_diffrn_source.source                      SYNCHROTRON 
_diffrn_source.target                      ? 
_diffrn_source.type                        'APS BEAMLINE 21-ID-D' 
_diffrn_source.voltage                     ? 
_diffrn_source.take-off_angle              ? 
_diffrn_source.pdbx_wavelength_list        0.97620 
_diffrn_source.pdbx_wavelength             ? 
_diffrn_source.pdbx_synchrotron_beamline   21-ID-D 
_diffrn_source.pdbx_synchrotron_site       APS 
# 
_reflns.B_iso_Wilson_estimate            ? 
_reflns.entry_id                         6UGJ 
_reflns.data_reduction_details           ? 
_reflns.data_reduction_method            ? 
_reflns.d_resolution_high                1.60 
_reflns.d_resolution_low                 43.25 
_reflns.details                          ? 
_reflns.limit_h_max                      ? 
_reflns.limit_h_min                      ? 
_reflns.limit_k_max                      ? 
_reflns.limit_k_min                      ? 
_reflns.limit_l_max                      ? 
_reflns.limit_l_min                      ? 
_reflns.number_all                       ? 
_reflns.number_obs                       9777 
_reflns.observed_criterion               ? 
_reflns.observed_criterion_F_max         ? 
_reflns.observed_criterion_F_min         ? 
_reflns.observed_criterion_I_max         ? 
_reflns.observed_criterion_I_min         ? 
_reflns.observed_criterion_sigma_F       ? 
_reflns.observed_criterion_sigma_I       ? 
_reflns.percent_possible_obs             92 
_reflns.R_free_details                   ? 
_reflns.Rmerge_F_all                     ? 
_reflns.Rmerge_F_obs                     ? 
_reflns.Friedel_coverage                 ? 
_reflns.number_gt                        ? 
_reflns.threshold_expression             ? 
_reflns.pdbx_redundancy                  21.7 
_reflns.pdbx_Rmerge_I_obs                0.156 
_reflns.pdbx_Rmerge_I_all                ? 
_reflns.pdbx_Rsym_value                  ? 
_reflns.pdbx_netI_over_av_sigmaI         ? 
_reflns.pdbx_netI_over_sigmaI            11.5 
_reflns.pdbx_res_netI_over_av_sigmaI_2   ? 
_reflns.pdbx_res_netI_over_sigmaI_2      ? 
_reflns.pdbx_chi_squared                 ? 
_reflns.pdbx_scaling_rejects             ? 
_reflns.pdbx_d_res_high_opt              ? 
_reflns.pdbx_d_res_low_opt               ? 
_reflns.pdbx_d_res_opt_method            ? 
_reflns.phase_calculation_details        ? 
_reflns.pdbx_Rrim_I_all                  0.160 
_reflns.pdbx_Rpim_I_all                  0.034 
_reflns.pdbx_d_opt                       ? 
_reflns.pdbx_number_measured_all         ? 
_reflns.pdbx_diffrn_id                   1 
_reflns.pdbx_ordinal                     1 
_reflns.pdbx_CC_half                     0.999 
_reflns.pdbx_R_split                     ? 
# 
_reflns_shell.d_res_high                  1.60 
_reflns_shell.d_res_low                   1.691 
_reflns_shell.meanI_over_sigI_all         ? 
_reflns_shell.meanI_over_sigI_obs         1.0 
_reflns_shell.number_measured_all         ? 
_reflns_shell.number_measured_obs         ? 
_reflns_shell.number_possible             ? 
_reflns_shell.number_unique_all           ? 
_reflns_shell.number_unique_obs           6865 
_reflns_shell.percent_possible_all        68.8 
_reflns_shell.percent_possible_obs        ? 
_reflns_shell.Rmerge_F_all                ? 
_reflns_shell.Rmerge_F_obs                ? 
_reflns_shell.Rmerge_I_all                ? 
_reflns_shell.Rmerge_I_obs                4.054 
_reflns_shell.meanI_over_sigI_gt          ? 
_reflns_shell.meanI_over_uI_all           ? 
_reflns_shell.meanI_over_uI_gt            ? 
_reflns_shell.number_measured_gt          ? 
_reflns_shell.number_unique_gt            ? 
_reflns_shell.percent_possible_gt         ? 
_reflns_shell.Rmerge_F_gt                 ? 
_reflns_shell.Rmerge_I_gt                 ? 
_reflns_shell.pdbx_redundancy             14.3 
_reflns_shell.pdbx_Rsym_value             ? 
_reflns_shell.pdbx_chi_squared            ? 
_reflns_shell.pdbx_netI_over_sigmaI_all   ? 
_reflns_shell.pdbx_netI_over_sigmaI_obs   ? 
_reflns_shell.pdbx_Rrim_I_all             4.2 
_reflns_shell.pdbx_Rpim_I_all             1.089 
_reflns_shell.pdbx_rejects                ? 
_reflns_shell.pdbx_ordinal                1 
_reflns_shell.pdbx_diffrn_id              1 
_reflns_shell.pdbx_CC_half                0.492 
_reflns_shell.pdbx_R_split                ? 
# 
_refine.aniso_B[1][1]                            -0.1000 
_refine.aniso_B[1][2]                            -0.0500 
_refine.aniso_B[1][3]                            -0.0000 
_refine.aniso_B[2][2]                            -0.1000 
_refine.aniso_B[2][3]                            -0.0000 
_refine.aniso_B[3][3]                            0.3200 
_refine.B_iso_max                                118.830 
_refine.B_iso_mean                               35.7430 
_refine.B_iso_min                                19.570 
_refine.correlation_coeff_Fo_to_Fc               0.9600 
_refine.correlation_coeff_Fo_to_Fc_free          0.9400 
_refine.details                                  
'HYDROGENS HAVE BEEN ADDED IN THE RIDING POSITIONS U VALUES      : REFINED INDIVIDUALLY' 
_refine.diff_density_max                         ? 
_refine.diff_density_max_esd                     ? 
_refine.diff_density_min                         ? 
_refine.diff_density_min_esd                     ? 
_refine.diff_density_rms                         ? 
_refine.diff_density_rms_esd                     ? 
_refine.entry_id                                 6UGJ 
_refine.pdbx_refine_id                           'X-RAY DIFFRACTION' 
_refine.ls_abs_structure_details                 ? 
_refine.ls_abs_structure_Flack                   ? 
_refine.ls_abs_structure_Flack_esd               ? 
_refine.ls_abs_structure_Rogers                  ? 
_refine.ls_abs_structure_Rogers_esd              ? 
_refine.ls_d_res_high                            1.6000 
_refine.ls_d_res_low                             43.2500 
_refine.ls_extinction_coef                       ? 
_refine.ls_extinction_coef_esd                   ? 
_refine.ls_extinction_expression                 ? 
_refine.ls_extinction_method                     ? 
_refine.ls_goodness_of_fit_all                   ? 
_refine.ls_goodness_of_fit_all_esd               ? 
_refine.ls_goodness_of_fit_obs                   ? 
_refine.ls_goodness_of_fit_obs_esd               ? 
_refine.ls_hydrogen_treatment                    ? 
_refine.ls_matrix_type                           ? 
_refine.ls_number_constraints                    ? 
_refine.ls_number_parameters                     ? 
_refine.ls_number_reflns_all                     ? 
_refine.ls_number_reflns_obs                     9077 
_refine.ls_number_reflns_R_free                  492 
_refine.ls_number_reflns_R_work                  ? 
_refine.ls_number_restraints                     ? 
_refine.ls_percent_reflns_obs                    72.1900 
_refine.ls_percent_reflns_R_free                 5.1000 
_refine.ls_R_factor_all                          ? 
_refine.ls_R_factor_obs                          0.2165 
_refine.ls_R_factor_R_free                       0.2724 
_refine.ls_R_factor_R_free_error                 ? 
_refine.ls_R_factor_R_free_error_details         ? 
_refine.ls_R_factor_R_work                       0.2136 
_refine.ls_R_Fsqd_factor_obs                     ? 
_refine.ls_R_I_factor_obs                        ? 
_refine.ls_redundancy_reflns_all                 ? 
_refine.ls_redundancy_reflns_obs                 ? 
_refine.ls_restrained_S_all                      ? 
_refine.ls_restrained_S_obs                      ? 
_refine.ls_shift_over_esd_max                    ? 
_refine.ls_shift_over_esd_mean                   ? 
_refine.ls_structure_factor_coef                 ? 
_refine.ls_weighting_details                     ? 
_refine.ls_weighting_scheme                      ? 
_refine.ls_wR_factor_all                         ? 
_refine.ls_wR_factor_obs                         ? 
_refine.ls_wR_factor_R_free                      ? 
_refine.ls_wR_factor_R_work                      ? 
_refine.occupancy_max                            ? 
_refine.occupancy_min                            ? 
_refine.solvent_model_details                    ? 
_refine.solvent_model_param_bsol                 ? 
_refine.solvent_model_param_ksol                 ? 
_refine.ls_R_factor_gt                           ? 
_refine.ls_goodness_of_fit_gt                    ? 
_refine.ls_goodness_of_fit_ref                   ? 
_refine.ls_shift_over_su_max                     ? 
_refine.ls_shift_over_su_max_lt                  ? 
_refine.ls_shift_over_su_mean                    ? 
_refine.ls_shift_over_su_mean_lt                 ? 
_refine.pdbx_ls_sigma_I                          ? 
_refine.pdbx_ls_sigma_F                          0.000 
_refine.pdbx_ls_sigma_Fsqd                       ? 
_refine.pdbx_data_cutoff_high_absF               ? 
_refine.pdbx_data_cutoff_high_rms_absF           ? 
_refine.pdbx_data_cutoff_low_absF                ? 
_refine.pdbx_isotropic_thermal_model             ? 
_refine.pdbx_ls_cross_valid_method               THROUGHOUT 
_refine.pdbx_method_to_determine_struct          'MOLECULAR REPLACEMENT' 
_refine.pdbx_starting_model                      '5 base pair A-form RNA helix' 
_refine.pdbx_stereochemistry_target_values       ? 
_refine.pdbx_R_Free_selection_details            RANDOM 
_refine.pdbx_stereochem_target_val_spec_case     ? 
_refine.pdbx_overall_ESU_R                       0.1290 
_refine.pdbx_overall_ESU_R_Free                  0.1370 
_refine.pdbx_solvent_vdw_probe_radii             1.2000 
_refine.pdbx_solvent_ion_probe_radii             0.8000 
_refine.pdbx_solvent_shrinkage_radii             0.8000 
_refine.pdbx_real_space_R                        ? 
_refine.pdbx_density_correlation                 ? 
_refine.pdbx_pd_number_of_powder_patterns        ? 
_refine.pdbx_pd_number_of_points                 ? 
_refine.pdbx_pd_meas_number_of_points            ? 
_refine.pdbx_pd_proc_ls_prof_R_factor            ? 
_refine.pdbx_pd_proc_ls_prof_wR_factor           ? 
_refine.pdbx_pd_Marquardt_correlation_coeff      ? 
_refine.pdbx_pd_Fsqrd_R_factor                   ? 
_refine.pdbx_pd_ls_matrix_band_width             ? 
_refine.pdbx_overall_phase_error                 ? 
_refine.pdbx_overall_SU_R_free_Cruickshank_DPI   ? 
_refine.pdbx_overall_SU_R_free_Blow_DPI          ? 
_refine.pdbx_overall_SU_R_Blow_DPI               ? 
_refine.pdbx_TLS_residual_ADP_flag               ? 
_refine.pdbx_diffrn_id                           1 
_refine.overall_SU_B                             2.2750 
_refine.overall_SU_ML                            0.0750 
_refine.overall_SU_R_Cruickshank_DPI             ? 
_refine.overall_SU_R_free                        ? 
_refine.overall_FOM_free_R_set                   ? 
_refine.overall_FOM_work_R_set                   ? 
_refine.pdbx_average_fsc_overall                 ? 
_refine.pdbx_average_fsc_work                    ? 
_refine.pdbx_average_fsc_free                    ? 
# 
_refine_hist.pdbx_refine_id                   'X-RAY DIFFRACTION' 
_refine_hist.cycle_id                         final 
_refine_hist.details                          ? 
_refine_hist.d_res_high                       1.6000 
_refine_hist.d_res_low                        43.2500 
_refine_hist.number_atoms_solvent             70 
_refine_hist.number_atoms_total               692 
_refine_hist.number_reflns_all                ? 
_refine_hist.number_reflns_obs                ? 
_refine_hist.number_reflns_R_free             ? 
_refine_hist.number_reflns_R_work             ? 
_refine_hist.R_factor_all                     ? 
_refine_hist.R_factor_obs                     ? 
_refine_hist.R_factor_R_free                  ? 
_refine_hist.R_factor_R_work                  ? 
_refine_hist.pdbx_number_residues_total       28 
_refine_hist.pdbx_B_iso_mean_ligand           79.68 
_refine_hist.pdbx_B_iso_mean_solvent          38.20 
_refine_hist.pdbx_number_atoms_protein        0 
_refine_hist.pdbx_number_atoms_nucleic_acid   600 
_refine_hist.pdbx_number_atoms_ligand         22 
_refine_hist.pdbx_number_atoms_lipid          ? 
_refine_hist.pdbx_number_atoms_carb           ? 
_refine_hist.pdbx_pseudo_atom_details         ? 
# 
loop_
_refine_ls_restr.pdbx_refine_id 
_refine_ls_restr.criterion 
_refine_ls_restr.dev_ideal 
_refine_ls_restr.dev_ideal_target 
_refine_ls_restr.number 
_refine_ls_restr.rejects 
_refine_ls_restr.type 
_refine_ls_restr.weight 
_refine_ls_restr.pdbx_restraint_function 
'X-RAY DIFFRACTION' ? 0.009 0.011 689  ? r_bond_refined_d     ? ? 
'X-RAY DIFFRACTION' ? 0.002 0.020 279  ? r_bond_other_d       ? ? 
'X-RAY DIFFRACTION' ? 1.615 1.292 1071 ? r_angle_refined_deg  ? ? 
'X-RAY DIFFRACTION' ? 1.593 2.985 675  ? r_angle_other_deg    ? ? 
'X-RAY DIFFRACTION' ? 0.075 0.200 112  ? r_chiral_restr       ? ? 
'X-RAY DIFFRACTION' ? 0.015 0.020 346  ? r_gen_planes_refined ? ? 
'X-RAY DIFFRACTION' ? 0.002 0.020 157  ? r_gen_planes_other   ? ? 
# 
_refine_ls_shell.pdbx_refine_id                   'X-RAY DIFFRACTION' 
_refine_ls_shell.d_res_high                       1.6020 
_refine_ls_shell.d_res_low                        1.6440 
_refine_ls_shell.number_reflns_all                194 
_refine_ls_shell.number_reflns_obs                ? 
_refine_ls_shell.number_reflns_R_free             7 
_refine_ls_shell.number_reflns_R_work             187 
_refine_ls_shell.percent_reflns_obs               20.1000 
_refine_ls_shell.percent_reflns_R_free            ? 
_refine_ls_shell.R_factor_all                     ? 
_refine_ls_shell.R_factor_obs                     ? 
_refine_ls_shell.R_factor_R_free                  0.2990 
_refine_ls_shell.R_factor_R_free_error            0.0000 
_refine_ls_shell.R_factor_R_work                  0.3990 
_refine_ls_shell.redundancy_reflns_all            ? 
_refine_ls_shell.redundancy_reflns_obs            ? 
_refine_ls_shell.wR_factor_all                    ? 
_refine_ls_shell.wR_factor_obs                    ? 
_refine_ls_shell.wR_factor_R_free                 ? 
_refine_ls_shell.wR_factor_R_work                 ? 
_refine_ls_shell.pdbx_total_number_of_bins_used   20 
_refine_ls_shell.pdbx_phase_error                 ? 
_refine_ls_shell.pdbx_fsc_work                    ? 
_refine_ls_shell.pdbx_fsc_free                    ? 
# 
_struct.entry_id                     6UGJ 
_struct.title                        
'Crystal structure of a fragment of E. coli tRNA(Asp) consisting of its acceptor stem/T stem-loop. Short unit cell.' 
_struct.pdbx_model_details           ? 
_struct.pdbx_formula_weight          ? 
_struct.pdbx_formula_weight_method   ? 
_struct.pdbx_model_type_details      ? 
_struct.pdbx_CASP_flag               N 
# 
_struct_keywords.entry_id        6UGJ 
_struct_keywords.text            'tRNA RNA unmodified T-loop acceptor stem, RNA' 
_struct_keywords.pdbx_keywords   RNA 
# 
loop_
_struct_asym.id 
_struct_asym.pdbx_blank_PDB_chainid_flag 
_struct_asym.pdbx_modified 
_struct_asym.entity_id 
_struct_asym.details 
A N N 1 ? 
B N N 2 ? 
C N N 3 ? 
D N N 4 ? 
E N N 5 ? 
# 
_struct_ref.id                         1 
_struct_ref.db_name                    PDB 
_struct_ref.db_code                    6UGJ 
_struct_ref.pdbx_db_accession          6UGJ 
_struct_ref.pdbx_db_isoform            ? 
_struct_ref.entity_id                  1 
_struct_ref.pdbx_seq_one_letter_code   ? 
_struct_ref.pdbx_align_begin           1 
# 
_struct_ref_seq.align_id                      1 
_struct_ref_seq.ref_id                        1 
_struct_ref_seq.pdbx_PDB_id_code              6UGJ 
_struct_ref_seq.pdbx_strand_id                A 
_struct_ref_seq.seq_align_beg                 1 
_struct_ref_seq.pdbx_seq_align_beg_ins_code   ? 
_struct_ref_seq.seq_align_end                 31 
_struct_ref_seq.pdbx_seq_align_end_ins_code   ? 
_struct_ref_seq.pdbx_db_accession             6UGJ 
_struct_ref_seq.db_align_beg                  1 
_struct_ref_seq.pdbx_db_align_beg_ins_code    ? 
_struct_ref_seq.db_align_end                  31 
_struct_ref_seq.pdbx_db_align_end_ins_code    ? 
_struct_ref_seq.pdbx_auth_seq_align_beg       1 
_struct_ref_seq.pdbx_auth_seq_align_end       31 
# 
_pdbx_struct_assembly.id                   1 
_pdbx_struct_assembly.details              author_defined_assembly 
_pdbx_struct_assembly.method_details       ? 
_pdbx_struct_assembly.oligomeric_details   monomeric 
_pdbx_struct_assembly.oligomeric_count     1 
# 
loop_
_pdbx_struct_assembly_prop.biol_id 
_pdbx_struct_assembly_prop.type 
_pdbx_struct_assembly_prop.value 
_pdbx_struct_assembly_prop.details 
1 'ABSA (A^2)' 440  ? 
1 MORE         -2   ? 
1 'SSA (A^2)'  5610 ? 
# 
_pdbx_struct_assembly_gen.assembly_id       1 
_pdbx_struct_assembly_gen.oper_expression   1 
_pdbx_struct_assembly_gen.asym_id_list      A,B,C,D,E 
# 
_pdbx_struct_assembly_auth_evidence.id                     1 
_pdbx_struct_assembly_auth_evidence.assembly_id            1 
_pdbx_struct_assembly_auth_evidence.experimental_support   none 
_pdbx_struct_assembly_auth_evidence.details                ? 
# 
_pdbx_struct_oper_list.id                   1 
_pdbx_struct_oper_list.type                 'identity operation' 
_pdbx_struct_oper_list.name                 1_555 
_pdbx_struct_oper_list.symmetry_operation   x,y,z 
_pdbx_struct_oper_list.matrix[1][1]         1.0000000000 
_pdbx_struct_oper_list.matrix[1][2]         0.0000000000 
_pdbx_struct_oper_list.matrix[1][3]         0.0000000000 
_pdbx_struct_oper_list.vector[1]            0.0000000000 
_pdbx_struct_oper_list.matrix[2][1]         0.0000000000 
_pdbx_struct_oper_list.matrix[2][2]         1.0000000000 
_pdbx_struct_oper_list.matrix[2][3]         0.0000000000 
_pdbx_struct_oper_list.vector[2]            0.0000000000 
_pdbx_struct_oper_list.matrix[3][1]         0.0000000000 
_pdbx_struct_oper_list.matrix[3][2]         0.0000000000 
_pdbx_struct_oper_list.matrix[3][3]         1.0000000000 
_pdbx_struct_oper_list.vector[3]            0.0000000000 
# 
loop_
_struct_conn.id 
_struct_conn.conn_type_id 
_struct_conn.pdbx_leaving_atom_flag 
_struct_conn.pdbx_PDB_id 
_struct_conn.ptnr1_label_asym_id 
_struct_conn.ptnr1_label_comp_id 
_struct_conn.ptnr1_label_seq_id 
_struct_conn.ptnr1_label_atom_id 
_struct_conn.pdbx_ptnr1_label_alt_id 
_struct_conn.pdbx_ptnr1_PDB_ins_code 
_struct_conn.pdbx_ptnr1_standard_comp_id 
_struct_conn.ptnr1_symmetry 
_struct_conn.ptnr2_label_asym_id 
_struct_conn.ptnr2_label_comp_id 
_struct_conn.ptnr2_label_seq_id 
_struct_conn.ptnr2_label_atom_id 
_struct_conn.pdbx_ptnr2_label_alt_id 
_struct_conn.pdbx_ptnr2_PDB_ins_code 
_struct_conn.ptnr1_auth_asym_id 
_struct_conn.ptnr1_auth_comp_id 
_struct_conn.ptnr1_auth_seq_id 
_struct_conn.ptnr2_auth_asym_id 
_struct_conn.ptnr2_auth_comp_id 
_struct_conn.ptnr2_auth_seq_id 
_struct_conn.ptnr2_symmetry 
_struct_conn.pdbx_ptnr3_label_atom_id 
_struct_conn.pdbx_ptnr3_label_seq_id 
_struct_conn.pdbx_ptnr3_label_comp_id 
_struct_conn.pdbx_ptnr3_label_asym_id 
_struct_conn.pdbx_ptnr3_label_alt_id 
_struct_conn.pdbx_ptnr3_PDB_ins_code 
_struct_conn.details 
_struct_conn.pdbx_dist_value 
_struct_conn.pdbx_value_order 
_struct_conn.pdbx_role 
covale1  covale one ? A G 1  P  ? ? ? 1_555 D DPO .  O7 ? ? A G 1  A DPO 103 1_555 ? ? ? ? ? ? ?                    1.576 ? ? 
hydrog1  hydrog ?   ? A G 1  N1 ? ? ? 1_555 A C   31 N3 ? ? A G 1  A C   31  1_555 ? ? ? ? ? ? WATSON-CRICK         ?     ? ? 
hydrog2  hydrog ?   ? A G 1  N2 ? ? ? 1_555 A C   31 O2 ? ? A G 1  A C   31  1_555 ? ? ? ? ? ? WATSON-CRICK         ?     ? ? 
hydrog3  hydrog ?   ? A G 1  O6 ? ? ? 1_555 A C   31 N4 ? ? A G 1  A C   31  1_555 ? ? ? ? ? ? WATSON-CRICK         ?     ? ? 
hydrog4  hydrog ?   ? A G 2  N1 ? ? ? 1_555 A C   30 N3 ? ? A G 2  A C   30  1_555 ? ? ? ? ? ? WATSON-CRICK         ?     ? ? 
hydrog5  hydrog ?   ? A G 2  N2 ? ? ? 1_555 A C   30 O2 ? ? A G 2  A C   30  1_555 ? ? ? ? ? ? WATSON-CRICK         ?     ? ? 
hydrog6  hydrog ?   ? A G 2  O6 ? ? ? 1_555 A C   30 N4 ? ? A G 2  A C   30  1_555 ? ? ? ? ? ? WATSON-CRICK         ?     ? ? 
hydrog7  hydrog ?   ? A A 3  N1 ? ? ? 1_555 A U   29 N3 ? ? A A 3  A U   29  1_555 ? ? ? ? ? ? WATSON-CRICK         ?     ? ? 
hydrog8  hydrog ?   ? A A 3  N6 ? ? ? 1_555 A U   29 O4 ? ? A A 3  A U   29  1_555 ? ? ? ? ? ? WATSON-CRICK         ?     ? ? 
hydrog9  hydrog ?   ? A G 4  N1 ? ? ? 1_555 A U   28 O2 ? ? A G 4  A U   28  1_555 ? ? ? ? ? ? TYPE_28_PAIR         ?     ? ? 
hydrog10 hydrog ?   ? A G 4  O6 ? ? ? 1_555 A U   28 N3 ? ? A G 4  A U   28  1_555 ? ? ? ? ? ? TYPE_28_PAIR         ?     ? ? 
hydrog11 hydrog ?   ? A C 5  N3 ? ? ? 1_555 A G   27 N1 ? ? A C 5  A G   27  1_555 ? ? ? ? ? ? WATSON-CRICK         ?     ? ? 
hydrog12 hydrog ?   ? A C 5  N4 ? ? ? 1_555 A G   27 O6 ? ? A C 5  A G   27  1_555 ? ? ? ? ? ? WATSON-CRICK         ?     ? ? 
hydrog13 hydrog ?   ? A C 5  O2 ? ? ? 1_555 A G   27 N2 ? ? A C 5  A G   27  1_555 ? ? ? ? ? ? WATSON-CRICK         ?     ? ? 
hydrog14 hydrog ?   ? A G 6  N1 ? ? ? 1_555 A C   26 N3 ? ? A G 6  A C   26  1_555 ? ? ? ? ? ? WATSON-CRICK         ?     ? ? 
hydrog15 hydrog ?   ? A G 6  N2 ? ? ? 1_555 A C   26 O2 ? ? A G 6  A C   26  1_555 ? ? ? ? ? ? WATSON-CRICK         ?     ? ? 
hydrog16 hydrog ?   ? A G 6  O6 ? ? ? 1_555 A C   26 N4 ? ? A G 6  A C   26  1_555 ? ? ? ? ? ? WATSON-CRICK         ?     ? ? 
hydrog17 hydrog ?   ? A G 7  N1 ? ? ? 1_555 A C   25 N3 ? ? A G 7  A C   25  1_555 ? ? ? ? ? ? WATSON-CRICK         ?     ? ? 
hydrog18 hydrog ?   ? A G 7  N2 ? ? ? 1_555 A C   25 O2 ? ? A G 7  A C   25  1_555 ? ? ? ? ? ? WATSON-CRICK         ?     ? ? 
hydrog19 hydrog ?   ? A G 7  O6 ? ? ? 1_555 A C   25 N4 ? ? A G 7  A C   25  1_555 ? ? ? ? ? ? WATSON-CRICK         ?     ? ? 
hydrog20 hydrog ?   ? A G 8  N1 ? ? ? 1_555 A U   24 O2 ? ? A G 8  A U   24  1_555 ? ? ? ? ? ? TYPE_28_PAIR         ?     ? ? 
hydrog21 hydrog ?   ? A G 8  O6 ? ? ? 1_555 A U   24 N3 ? ? A G 8  A U   24  1_555 ? ? ? ? ? ? TYPE_28_PAIR         ?     ? ? 
hydrog22 hydrog ?   ? A C 9  N3 ? ? ? 1_555 A G   23 N1 ? ? A C 9  A G   23  1_555 ? ? ? ? ? ? WATSON-CRICK         ?     ? ? 
hydrog23 hydrog ?   ? A C 9  N4 ? ? ? 1_555 A G   23 O6 ? ? A C 9  A G   23  1_555 ? ? ? ? ? ? WATSON-CRICK         ?     ? ? 
hydrog24 hydrog ?   ? A C 9  O2 ? ? ? 1_555 A G   23 N2 ? ? A C 9  A G   23  1_555 ? ? ? ? ? ? WATSON-CRICK         ?     ? ? 
hydrog25 hydrog ?   ? A G 10 N1 ? ? ? 1_555 A C   22 N3 ? ? A G 10 A C   22  1_555 ? ? ? ? ? ? WATSON-CRICK         ?     ? ? 
hydrog26 hydrog ?   ? A G 10 N2 ? ? ? 1_555 A C   22 O2 ? ? A G 10 A C   22  1_555 ? ? ? ? ? ? WATSON-CRICK         ?     ? ? 
hydrog27 hydrog ?   ? A G 10 O6 ? ? ? 1_555 A C   22 N4 ? ? A G 10 A C   22  1_555 ? ? ? ? ? ? WATSON-CRICK         ?     ? ? 
hydrog28 hydrog ?   ? A G 11 N1 ? ? ? 1_555 A C   21 N3 ? ? A G 11 A C   21  1_555 ? ? ? ? ? ? WATSON-CRICK         ?     ? ? 
hydrog29 hydrog ?   ? A G 11 N2 ? ? ? 1_555 A C   21 O2 ? ? A G 11 A C   21  1_555 ? ? ? ? ? ? WATSON-CRICK         ?     ? ? 
hydrog30 hydrog ?   ? A G 11 O6 ? ? ? 1_555 A C   21 N4 ? ? A G 11 A C   21  1_555 ? ? ? ? ? ? WATSON-CRICK         ?     ? ? 
hydrog31 hydrog ?   ? A G 12 N1 ? ? ? 1_555 A C   20 N3 ? ? A G 12 A C   20  1_555 ? ? ? ? ? ? WATSON-CRICK         ?     ? ? 
hydrog32 hydrog ?   ? A G 12 N2 ? ? ? 1_555 A C   20 O2 ? ? A G 12 A C   20  1_555 ? ? ? ? ? ? WATSON-CRICK         ?     ? ? 
hydrog33 hydrog ?   ? A G 12 O6 ? ? ? 1_555 A C   20 N4 ? ? A G 12 A C   20  1_555 ? ? ? ? ? ? WATSON-CRICK         ?     ? ? 
hydrog34 hydrog ?   ? A U 13 N3 ? ? ? 1_555 A A   17 N7 ? ? A U 13 A A   17  1_555 ? ? ? ? ? ? 'REVERSED HOOGSTEEN' ?     ? ? 
hydrog35 hydrog ?   ? A U 13 O2 ? ? ? 1_555 A A   17 N6 ? ? A U 13 A A   17  1_555 ? ? ? ? ? ? 'REVERSED HOOGSTEEN' ?     ? ? 
# 
loop_
_struct_conn_type.id 
_struct_conn_type.criteria 
_struct_conn_type.reference 
covale ? ? 
hydrog ? ? 
# 
loop_
_struct_site.id 
_struct_site.pdbx_evidence_code 
_struct_site.pdbx_auth_asym_id 
_struct_site.pdbx_auth_comp_id 
_struct_site.pdbx_auth_seq_id 
_struct_site.pdbx_auth_ins_code 
_struct_site.pdbx_num_residues 
_struct_site.details 
AC1 Software A SO4 101 ? 8 'binding site for residue SO4 A 101' 
AC2 Software A URA 102 ? 2 'binding site for residue URA A 102' 
AC3 Software A DPO 103 ? 3 'binding site for residue DPO A 103' 
# 
loop_
_struct_site_gen.id 
_struct_site_gen.site_id 
_struct_site_gen.pdbx_num_res 
_struct_site_gen.label_comp_id 
_struct_site_gen.label_asym_id 
_struct_site_gen.label_seq_id 
_struct_site_gen.pdbx_auth_ins_code 
_struct_site_gen.auth_comp_id 
_struct_site_gen.auth_asym_id 
_struct_site_gen.auth_seq_id 
_struct_site_gen.label_atom_id 
_struct_site_gen.label_alt_id 
_struct_site_gen.symmetry 
_struct_site_gen.details 
1  AC1 8 G   A 8  ? G   A 8   . ? 3_545  ? 
2  AC1 8 G   A 8  ? G   A 8   . ? 1_555  ? 
3  AC1 8 G   A 8  ? G   A 8   . ? 2_445  ? 
4  AC1 8 C   A 9  ? C   A 9   . ? 1_555  ? 
5  AC1 8 C   A 9  ? C   A 9   . ? 2_445  ? 
6  AC1 8 C   A 9  ? C   A 9   . ? 3_545  ? 
7  AC1 8 HOH E .  ? HOH A 212 . ? 2_445  ? 
8  AC1 8 HOH E .  ? HOH A 212 . ? 1_555  ? 
9  AC2 2 U   A 13 ? U   A 13  . ? 1_555  ? 
10 AC2 2 A   A 17 ? A   A 17  . ? 1_555  ? 
11 AC3 3 G   A 1  ? G   A 1   . ? 1_555  ? 
12 AC3 3 C   A 31 ? C   A 31  . ? 16_544 ? 
13 AC3 3 HOH E .  ? HOH A 223 . ? 16_544 ? 
# 
loop_
_pdbx_validate_symm_contact.id 
_pdbx_validate_symm_contact.PDB_model_num 
_pdbx_validate_symm_contact.auth_atom_id_1 
_pdbx_validate_symm_contact.auth_asym_id_1 
_pdbx_validate_symm_contact.auth_comp_id_1 
_pdbx_validate_symm_contact.auth_seq_id_1 
_pdbx_validate_symm_contact.PDB_ins_code_1 
_pdbx_validate_symm_contact.label_alt_id_1 
_pdbx_validate_symm_contact.site_symmetry_1 
_pdbx_validate_symm_contact.auth_atom_id_2 
_pdbx_validate_symm_contact.auth_asym_id_2 
_pdbx_validate_symm_contact.auth_comp_id_2 
_pdbx_validate_symm_contact.auth_seq_id_2 
_pdbx_validate_symm_contact.PDB_ins_code_2 
_pdbx_validate_symm_contact.label_alt_id_2 
_pdbx_validate_symm_contact.site_symmetry_2 
_pdbx_validate_symm_contact.dist 
1 1 O A HOH 204 ? ? 1_555 O A HOH 256 ? ? 2_555 1.91 
2 1 O A HOH 203 ? ? 1_555 O A HOH 255 ? ? 2_555 2.19 
# 
loop_
_pdbx_validate_rmsd_angle.id 
_pdbx_validate_rmsd_angle.PDB_model_num 
_pdbx_validate_rmsd_angle.auth_atom_id_1 
_pdbx_validate_rmsd_angle.auth_asym_id_1 
_pdbx_validate_rmsd_angle.auth_comp_id_1 
_pdbx_validate_rmsd_angle.auth_seq_id_1 
_pdbx_validate_rmsd_angle.PDB_ins_code_1 
_pdbx_validate_rmsd_angle.label_alt_id_1 
_pdbx_validate_rmsd_angle.auth_atom_id_2 
_pdbx_validate_rmsd_angle.auth_asym_id_2 
_pdbx_validate_rmsd_angle.auth_comp_id_2 
_pdbx_validate_rmsd_angle.auth_seq_id_2 
_pdbx_validate_rmsd_angle.PDB_ins_code_2 
_pdbx_validate_rmsd_angle.label_alt_id_2 
_pdbx_validate_rmsd_angle.auth_atom_id_3 
_pdbx_validate_rmsd_angle.auth_asym_id_3 
_pdbx_validate_rmsd_angle.auth_comp_id_3 
_pdbx_validate_rmsd_angle.auth_seq_id_3 
_pdbx_validate_rmsd_angle.PDB_ins_code_3 
_pdbx_validate_rmsd_angle.label_alt_id_3 
_pdbx_validate_rmsd_angle.angle_value 
_pdbx_validate_rmsd_angle.angle_target_value 
_pdbx_validate_rmsd_angle.angle_deviation 
_pdbx_validate_rmsd_angle.angle_standard_deviation 
_pdbx_validate_rmsd_angle.linker_flag 
1 1 "O5'" A G 4 ? ? P A G 4 ? ? OP1 A G 4 ? ? 119.88 110.70 9.18   1.20 N 
2 1 "O5'" A G 4 ? ? P A G 4 ? ? OP2 A G 4 ? ? 92.27  105.70 -13.43 0.90 N 
# 
loop_
_pdbx_struct_special_symmetry.id 
_pdbx_struct_special_symmetry.PDB_model_num 
_pdbx_struct_special_symmetry.auth_asym_id 
_pdbx_struct_special_symmetry.auth_comp_id 
_pdbx_struct_special_symmetry.auth_seq_id 
_pdbx_struct_special_symmetry.PDB_ins_code 
_pdbx_struct_special_symmetry.label_asym_id 
_pdbx_struct_special_symmetry.label_comp_id 
_pdbx_struct_special_symmetry.label_seq_id 
1  1 A SO4 101 ? B SO4 . 
2  1 A HOH 215 ? E HOH . 
3  1 A HOH 220 ? E HOH . 
4  1 A HOH 243 ? E HOH . 
5  1 A HOH 247 ? E HOH . 
6  1 A HOH 248 ? E HOH . 
7  1 A HOH 252 ? E HOH . 
8  1 A HOH 254 ? E HOH . 
9  1 A HOH 261 ? E HOH . 
10 1 A HOH 266 ? E HOH . 
11 1 A HOH 270 ? E HOH . 
# 
_pdbx_entry_details.entry_id                 6UGJ 
_pdbx_entry_details.has_ligand_of_interest   N 
_pdbx_entry_details.compound_details         ? 
_pdbx_entry_details.source_details           ? 
_pdbx_entry_details.nonpolymer_details       ? 
_pdbx_entry_details.sequence_details         ? 
# 
loop_
_pdbx_unobs_or_zero_occ_residues.id 
_pdbx_unobs_or_zero_occ_residues.PDB_model_num 
_pdbx_unobs_or_zero_occ_residues.polymer_flag 
_pdbx_unobs_or_zero_occ_residues.occupancy_flag 
_pdbx_unobs_or_zero_occ_residues.auth_asym_id 
_pdbx_unobs_or_zero_occ_residues.auth_comp_id 
_pdbx_unobs_or_zero_occ_residues.auth_seq_id 
_pdbx_unobs_or_zero_occ_residues.PDB_ins_code 
_pdbx_unobs_or_zero_occ_residues.label_asym_id 
_pdbx_unobs_or_zero_occ_residues.label_comp_id 
_pdbx_unobs_or_zero_occ_residues.label_seq_id 
1 1 Y 1 A U 14 ? A U 14 
2 1 Y 1 A C 15 ? A C 15 
3 1 Y 1 A G 16 ? A G 16 
# 
loop_
_chem_comp_atom.comp_id 
_chem_comp_atom.atom_id 
_chem_comp_atom.type_symbol 
_chem_comp_atom.pdbx_aromatic_flag 
_chem_comp_atom.pdbx_stereo_config 
_chem_comp_atom.pdbx_ordinal 
A   OP3    O N N 1   
A   P      P N N 2   
A   OP1    O N N 3   
A   OP2    O N N 4   
A   "O5'"  O N N 5   
A   "C5'"  C N N 6   
A   "C4'"  C N R 7   
A   "O4'"  O N N 8   
A   "C3'"  C N S 9   
A   "O3'"  O N N 10  
A   "C2'"  C N R 11  
A   "O2'"  O N N 12  
A   "C1'"  C N R 13  
A   N9     N Y N 14  
A   C8     C Y N 15  
A   N7     N Y N 16  
A   C5     C Y N 17  
A   C6     C Y N 18  
A   N6     N N N 19  
A   N1     N Y N 20  
A   C2     C Y N 21  
A   N3     N Y N 22  
A   C4     C Y N 23  
A   HOP3   H N N 24  
A   HOP2   H N N 25  
A   "H5'"  H N N 26  
A   "H5''" H N N 27  
A   "H4'"  H N N 28  
A   "H3'"  H N N 29  
A   "HO3'" H N N 30  
A   "H2'"  H N N 31  
A   "HO2'" H N N 32  
A   "H1'"  H N N 33  
A   H8     H N N 34  
A   H61    H N N 35  
A   H62    H N N 36  
A   H2     H N N 37  
C   OP3    O N N 38  
C   P      P N N 39  
C   OP1    O N N 40  
C   OP2    O N N 41  
C   "O5'"  O N N 42  
C   "C5'"  C N N 43  
C   "C4'"  C N R 44  
C   "O4'"  O N N 45  
C   "C3'"  C N S 46  
C   "O3'"  O N N 47  
C   "C2'"  C N R 48  
C   "O2'"  O N N 49  
C   "C1'"  C N R 50  
C   N1     N N N 51  
C   C2     C N N 52  
C   O2     O N N 53  
C   N3     N N N 54  
C   C4     C N N 55  
C   N4     N N N 56  
C   C5     C N N 57  
C   C6     C N N 58  
C   HOP3   H N N 59  
C   HOP2   H N N 60  
C   "H5'"  H N N 61  
C   "H5''" H N N 62  
C   "H4'"  H N N 63  
C   "H3'"  H N N 64  
C   "HO3'" H N N 65  
C   "H2'"  H N N 66  
C   "HO2'" H N N 67  
C   "H1'"  H N N 68  
C   H41    H N N 69  
C   H42    H N N 70  
C   H5     H N N 71  
C   H6     H N N 72  
DPO P1     P N N 73  
DPO O1     O N N 74  
DPO O2     O N N 75  
DPO O3     O N N 76  
DPO O4     O N N 77  
DPO P2     P N N 78  
DPO O5     O N N 79  
DPO O6     O N N 80  
DPO O7     O N N 81  
G   OP3    O N N 82  
G   P      P N N 83  
G   OP1    O N N 84  
G   OP2    O N N 85  
G   "O5'"  O N N 86  
G   "C5'"  C N N 87  
G   "C4'"  C N R 88  
G   "O4'"  O N N 89  
G   "C3'"  C N S 90  
G   "O3'"  O N N 91  
G   "C2'"  C N R 92  
G   "O2'"  O N N 93  
G   "C1'"  C N R 94  
G   N9     N Y N 95  
G   C8     C Y N 96  
G   N7     N Y N 97  
G   C5     C Y N 98  
G   C6     C N N 99  
G   O6     O N N 100 
G   N1     N N N 101 
G   C2     C N N 102 
G   N2     N N N 103 
G   N3     N N N 104 
G   C4     C Y N 105 
G   HOP3   H N N 106 
G   HOP2   H N N 107 
G   "H5'"  H N N 108 
G   "H5''" H N N 109 
G   "H4'"  H N N 110 
G   "H3'"  H N N 111 
G   "HO3'" H N N 112 
G   "H2'"  H N N 113 
G   "HO2'" H N N 114 
G   "H1'"  H N N 115 
G   H8     H N N 116 
G   H1     H N N 117 
G   H21    H N N 118 
G   H22    H N N 119 
HOH O      O N N 120 
HOH H1     H N N 121 
HOH H2     H N N 122 
SO4 S      S N N 123 
SO4 O1     O N N 124 
SO4 O2     O N N 125 
SO4 O3     O N N 126 
SO4 O4     O N N 127 
U   OP3    O N N 128 
U   P      P N N 129 
U   OP1    O N N 130 
U   OP2    O N N 131 
U   "O5'"  O N N 132 
U   "C5'"  C N N 133 
U   "C4'"  C N R 134 
U   "O4'"  O N N 135 
U   "C3'"  C N S 136 
U   "O3'"  O N N 137 
U   "C2'"  C N R 138 
U   "O2'"  O N N 139 
U   "C1'"  C N R 140 
U   N1     N N N 141 
U   C2     C N N 142 
U   O2     O N N 143 
U   N3     N N N 144 
U   C4     C N N 145 
U   O4     O N N 146 
U   C5     C N N 147 
U   C6     C N N 148 
U   HOP3   H N N 149 
U   HOP2   H N N 150 
U   "H5'"  H N N 151 
U   "H5''" H N N 152 
U   "H4'"  H N N 153 
U   "H3'"  H N N 154 
U   "HO3'" H N N 155 
U   "H2'"  H N N 156 
U   "HO2'" H N N 157 
U   "H1'"  H N N 158 
U   H3     H N N 159 
U   H5     H N N 160 
U   H6     H N N 161 
URA N1     N N N 162 
URA C2     C N N 163 
URA O2     O N N 164 
URA N3     N N N 165 
URA C4     C N N 166 
URA O4     O N N 167 
URA C5     C N N 168 
URA C6     C N N 169 
URA HN1    H N N 170 
URA HN3    H N N 171 
URA H5     H N N 172 
URA H6     H N N 173 
# 
loop_
_chem_comp_bond.comp_id 
_chem_comp_bond.atom_id_1 
_chem_comp_bond.atom_id_2 
_chem_comp_bond.value_order 
_chem_comp_bond.pdbx_aromatic_flag 
_chem_comp_bond.pdbx_stereo_config 
_chem_comp_bond.pdbx_ordinal 
A   OP3   P      sing N N 1   
A   OP3   HOP3   sing N N 2   
A   P     OP1    doub N N 3   
A   P     OP2    sing N N 4   
A   P     "O5'"  sing N N 5   
A   OP2   HOP2   sing N N 6   
A   "O5'" "C5'"  sing N N 7   
A   "C5'" "C4'"  sing N N 8   
A   "C5'" "H5'"  sing N N 9   
A   "C5'" "H5''" sing N N 10  
A   "C4'" "O4'"  sing N N 11  
A   "C4'" "C3'"  sing N N 12  
A   "C4'" "H4'"  sing N N 13  
A   "O4'" "C1'"  sing N N 14  
A   "C3'" "O3'"  sing N N 15  
A   "C3'" "C2'"  sing N N 16  
A   "C3'" "H3'"  sing N N 17  
A   "O3'" "HO3'" sing N N 18  
A   "C2'" "O2'"  sing N N 19  
A   "C2'" "C1'"  sing N N 20  
A   "C2'" "H2'"  sing N N 21  
A   "O2'" "HO2'" sing N N 22  
A   "C1'" N9     sing N N 23  
A   "C1'" "H1'"  sing N N 24  
A   N9    C8     sing Y N 25  
A   N9    C4     sing Y N 26  
A   C8    N7     doub Y N 27  
A   C8    H8     sing N N 28  
A   N7    C5     sing Y N 29  
A   C5    C6     sing Y N 30  
A   C5    C4     doub Y N 31  
A   C6    N6     sing N N 32  
A   C6    N1     doub Y N 33  
A   N6    H61    sing N N 34  
A   N6    H62    sing N N 35  
A   N1    C2     sing Y N 36  
A   C2    N3     doub Y N 37  
A   C2    H2     sing N N 38  
A   N3    C4     sing Y N 39  
C   OP3   P      sing N N 40  
C   OP3   HOP3   sing N N 41  
C   P     OP1    doub N N 42  
C   P     OP2    sing N N 43  
C   P     "O5'"  sing N N 44  
C   OP2   HOP2   sing N N 45  
C   "O5'" "C5'"  sing N N 46  
C   "C5'" "C4'"  sing N N 47  
C   "C5'" "H5'"  sing N N 48  
C   "C5'" "H5''" sing N N 49  
C   "C4'" "O4'"  sing N N 50  
C   "C4'" "C3'"  sing N N 51  
C   "C4'" "H4'"  sing N N 52  
C   "O4'" "C1'"  sing N N 53  
C   "C3'" "O3'"  sing N N 54  
C   "C3'" "C2'"  sing N N 55  
C   "C3'" "H3'"  sing N N 56  
C   "O3'" "HO3'" sing N N 57  
C   "C2'" "O2'"  sing N N 58  
C   "C2'" "C1'"  sing N N 59  
C   "C2'" "H2'"  sing N N 60  
C   "O2'" "HO2'" sing N N 61  
C   "C1'" N1     sing N N 62  
C   "C1'" "H1'"  sing N N 63  
C   N1    C2     sing N N 64  
C   N1    C6     sing N N 65  
C   C2    O2     doub N N 66  
C   C2    N3     sing N N 67  
C   N3    C4     doub N N 68  
C   C4    N4     sing N N 69  
C   C4    C5     sing N N 70  
C   N4    H41    sing N N 71  
C   N4    H42    sing N N 72  
C   C5    C6     doub N N 73  
C   C5    H5     sing N N 74  
C   C6    H6     sing N N 75  
DPO P1    O1     doub N N 76  
DPO P1    O2     sing N N 77  
DPO P1    O3     sing N N 78  
DPO P1    O4     sing N N 79  
DPO O4    P2     sing N N 80  
DPO P2    O5     doub N N 81  
DPO P2    O6     sing N N 82  
DPO P2    O7     sing N N 83  
G   OP3   P      sing N N 84  
G   OP3   HOP3   sing N N 85  
G   P     OP1    doub N N 86  
G   P     OP2    sing N N 87  
G   P     "O5'"  sing N N 88  
G   OP2   HOP2   sing N N 89  
G   "O5'" "C5'"  sing N N 90  
G   "C5'" "C4'"  sing N N 91  
G   "C5'" "H5'"  sing N N 92  
G   "C5'" "H5''" sing N N 93  
G   "C4'" "O4'"  sing N N 94  
G   "C4'" "C3'"  sing N N 95  
G   "C4'" "H4'"  sing N N 96  
G   "O4'" "C1'"  sing N N 97  
G   "C3'" "O3'"  sing N N 98  
G   "C3'" "C2'"  sing N N 99  
G   "C3'" "H3'"  sing N N 100 
G   "O3'" "HO3'" sing N N 101 
G   "C2'" "O2'"  sing N N 102 
G   "C2'" "C1'"  sing N N 103 
G   "C2'" "H2'"  sing N N 104 
G   "O2'" "HO2'" sing N N 105 
G   "C1'" N9     sing N N 106 
G   "C1'" "H1'"  sing N N 107 
G   N9    C8     sing Y N 108 
G   N9    C4     sing Y N 109 
G   C8    N7     doub Y N 110 
G   C8    H8     sing N N 111 
G   N7    C5     sing Y N 112 
G   C5    C6     sing N N 113 
G   C5    C4     doub Y N 114 
G   C6    O6     doub N N 115 
G   C6    N1     sing N N 116 
G   N1    C2     sing N N 117 
G   N1    H1     sing N N 118 
G   C2    N2     sing N N 119 
G   C2    N3     doub N N 120 
G   N2    H21    sing N N 121 
G   N2    H22    sing N N 122 
G   N3    C4     sing N N 123 
HOH O     H1     sing N N 124 
HOH O     H2     sing N N 125 
SO4 S     O1     doub N N 126 
SO4 S     O2     doub N N 127 
SO4 S     O3     sing N N 128 
SO4 S     O4     sing N N 129 
U   OP3   P      sing N N 130 
U   OP3   HOP3   sing N N 131 
U   P     OP1    doub N N 132 
U   P     OP2    sing N N 133 
U   P     "O5'"  sing N N 134 
U   OP2   HOP2   sing N N 135 
U   "O5'" "C5'"  sing N N 136 
U   "C5'" "C4'"  sing N N 137 
U   "C5'" "H5'"  sing N N 138 
U   "C5'" "H5''" sing N N 139 
U   "C4'" "O4'"  sing N N 140 
U   "C4'" "C3'"  sing N N 141 
U   "C4'" "H4'"  sing N N 142 
U   "O4'" "C1'"  sing N N 143 
U   "C3'" "O3'"  sing N N 144 
U   "C3'" "C2'"  sing N N 145 
U   "C3'" "H3'"  sing N N 146 
U   "O3'" "HO3'" sing N N 147 
U   "C2'" "O2'"  sing N N 148 
U   "C2'" "C1'"  sing N N 149 
U   "C2'" "H2'"  sing N N 150 
U   "O2'" "HO2'" sing N N 151 
U   "C1'" N1     sing N N 152 
U   "C1'" "H1'"  sing N N 153 
U   N1    C2     sing N N 154 
U   N1    C6     sing N N 155 
U   C2    O2     doub N N 156 
U   C2    N3     sing N N 157 
U   N3    C4     sing N N 158 
U   N3    H3     sing N N 159 
U   C4    O4     doub N N 160 
U   C4    C5     sing N N 161 
U   C5    C6     doub N N 162 
U   C5    H5     sing N N 163 
U   C6    H6     sing N N 164 
URA N1    C2     sing N N 165 
URA N1    C6     sing N N 166 
URA N1    HN1    sing N N 167 
URA C2    O2     doub N N 168 
URA C2    N3     sing N N 169 
URA N3    C4     sing N N 170 
URA N3    HN3    sing N N 171 
URA C4    O4     doub N N 172 
URA C4    C5     sing N N 173 
URA C5    C6     doub N N 174 
URA C5    H5     sing N N 175 
URA C6    H6     sing N N 176 
# 
loop_
_ndb_struct_conf_na.entry_id 
_ndb_struct_conf_na.feature 
6UGJ 'double helix'         
6UGJ 'a-form double helix'  
6UGJ 'bulge loop'           
6UGJ 'mismatched base pair' 
# 
loop_
_ndb_struct_na_base_pair.model_number 
_ndb_struct_na_base_pair.i_label_asym_id 
_ndb_struct_na_base_pair.i_label_comp_id 
_ndb_struct_na_base_pair.i_label_seq_id 
_ndb_struct_na_base_pair.i_symmetry 
_ndb_struct_na_base_pair.j_label_asym_id 
_ndb_struct_na_base_pair.j_label_comp_id 
_ndb_struct_na_base_pair.j_label_seq_id 
_ndb_struct_na_base_pair.j_symmetry 
_ndb_struct_na_base_pair.shear 
_ndb_struct_na_base_pair.stretch 
_ndb_struct_na_base_pair.stagger 
_ndb_struct_na_base_pair.buckle 
_ndb_struct_na_base_pair.propeller 
_ndb_struct_na_base_pair.opening 
_ndb_struct_na_base_pair.pair_number 
_ndb_struct_na_base_pair.pair_name 
_ndb_struct_na_base_pair.i_auth_asym_id 
_ndb_struct_na_base_pair.i_auth_seq_id 
_ndb_struct_na_base_pair.i_PDB_ins_code 
_ndb_struct_na_base_pair.j_auth_asym_id 
_ndb_struct_na_base_pair.j_auth_seq_id 
_ndb_struct_na_base_pair.j_PDB_ins_code 
_ndb_struct_na_base_pair.hbond_type_28 
_ndb_struct_na_base_pair.hbond_type_12 
1 A G 1  1_555 A C 31 1_555 -0.322 -0.070 -0.369 -10.884 0.710   1.746   1  A_G1:C31_A  A 1  ? A 31 ? 19 1 
1 A G 2  1_555 A C 30 1_555 -0.445 -0.142 -0.437 -10.397 -8.366  0.193   2  A_G2:C30_A  A 2  ? A 30 ? 19 1 
1 A A 3  1_555 A U 29 1_555 0.058  -0.168 -0.026 -7.454  -7.247  4.343   3  A_A3:U29_A  A 3  ? A 29 ? 20 1 
1 A G 4  1_555 A U 28 1_555 -2.356 -0.609 -0.034 -4.997  -14.848 -1.706  4  A_G4:U28_A  A 4  ? A 28 ? 28 1 
1 A C 5  1_555 A G 27 1_555 0.220  -0.122 0.034  0.657   -11.075 -0.006  5  A_C5:G27_A  A 5  ? A 27 ? 19 1 
1 A G 6  1_555 A C 26 1_555 -0.242 -0.170 -0.131 -4.202  -7.135  -1.564  6  A_G6:C26_A  A 6  ? A 26 ? 19 1 
1 A G 7  1_555 A C 25 1_555 -0.140 -0.087 -0.194 -9.476  -15.014 3.719   7  A_G7:C25_A  A 7  ? A 25 ? 19 1 
1 A G 8  1_555 A U 24 1_555 -2.366 -0.581 -0.102 -4.836  -9.427  -0.118  8  A_G8:U24_A  A 8  ? A 24 ? 28 1 
1 A C 9  1_555 A G 23 1_555 0.241  -0.168 -0.039 0.796   -12.990 -0.762  9  A_C9:G23_A  A 9  ? A 23 ? 19 1 
1 A G 10 1_555 A C 22 1_555 -0.055 -0.082 -0.076 -5.404  -10.287 1.031   10 A_G10:C22_A A 10 ? A 22 ? 19 1 
1 A G 11 1_555 A C 21 1_555 -0.090 -0.114 0.023  -7.198  -14.355 3.651   11 A_G11:C21_A A 11 ? A 21 ? 19 1 
1 A G 12 1_555 A C 20 1_555 -0.380 -0.259 -0.032 -10.325 -12.140 2.904   12 A_G12:C20_A A 12 ? A 20 ? 19 1 
1 A U 13 1_555 A A 17 1_555 3.987  -2.065 0.002  -5.462  -1.388  -95.123 13 A_U13:A17_A A 13 ? A 17 ? 24 4 
# 
loop_
_ndb_struct_na_base_pair_step.model_number 
_ndb_struct_na_base_pair_step.i_label_asym_id_1 
_ndb_struct_na_base_pair_step.i_label_comp_id_1 
_ndb_struct_na_base_pair_step.i_label_seq_id_1 
_ndb_struct_na_base_pair_step.i_symmetry_1 
_ndb_struct_na_base_pair_step.j_label_asym_id_1 
_ndb_struct_na_base_pair_step.j_label_comp_id_1 
_ndb_struct_na_base_pair_step.j_label_seq_id_1 
_ndb_struct_na_base_pair_step.j_symmetry_1 
_ndb_struct_na_base_pair_step.i_label_asym_id_2 
_ndb_struct_na_base_pair_step.i_label_comp_id_2 
_ndb_struct_na_base_pair_step.i_label_seq_id_2 
_ndb_struct_na_base_pair_step.i_symmetry_2 
_ndb_struct_na_base_pair_step.j_label_asym_id_2 
_ndb_struct_na_base_pair_step.j_label_comp_id_2 
_ndb_struct_na_base_pair_step.j_label_seq_id_2 
_ndb_struct_na_base_pair_step.j_symmetry_2 
_ndb_struct_na_base_pair_step.shift 
_ndb_struct_na_base_pair_step.slide 
_ndb_struct_na_base_pair_step.rise 
_ndb_struct_na_base_pair_step.tilt 
_ndb_struct_na_base_pair_step.roll 
_ndb_struct_na_base_pair_step.twist 
_ndb_struct_na_base_pair_step.x_displacement 
_ndb_struct_na_base_pair_step.y_displacement 
_ndb_struct_na_base_pair_step.helical_rise 
_ndb_struct_na_base_pair_step.inclination 
_ndb_struct_na_base_pair_step.tip 
_ndb_struct_na_base_pair_step.helical_twist 
_ndb_struct_na_base_pair_step.step_number 
_ndb_struct_na_base_pair_step.step_name 
_ndb_struct_na_base_pair_step.i_auth_asym_id_1 
_ndb_struct_na_base_pair_step.i_auth_seq_id_1 
_ndb_struct_na_base_pair_step.i_PDB_ins_code_1 
_ndb_struct_na_base_pair_step.j_auth_asym_id_1 
_ndb_struct_na_base_pair_step.j_auth_seq_id_1 
_ndb_struct_na_base_pair_step.j_PDB_ins_code_1 
_ndb_struct_na_base_pair_step.i_auth_asym_id_2 
_ndb_struct_na_base_pair_step.i_auth_seq_id_2 
_ndb_struct_na_base_pair_step.i_PDB_ins_code_2 
_ndb_struct_na_base_pair_step.j_auth_asym_id_2 
_ndb_struct_na_base_pair_step.j_auth_seq_id_2 
_ndb_struct_na_base_pair_step.j_PDB_ins_code_2 
1 A G 1  1_555 A C 31 1_555 A G 2  1_555 A C 30 1_555 -0.430 -2.172 3.469 0.888  4.318  26.961 -5.681 1.133  3.074 9.184  -1.889 
27.313 1  AA_G1G2:C30C31_AA   A 1  ? A 31 ? A 2  ? A 30 ? 
1 A G 2  1_555 A C 30 1_555 A A 3  1_555 A U 29 1_555 0.107  -1.758 3.213 -2.723 5.673  31.996 -4.055 -0.635 2.849 10.169 4.880  
32.593 2  AA_G2A3:U29C30_AA   A 2  ? A 30 ? A 3  ? A 29 ? 
1 A A 3  1_555 A U 29 1_555 A G 4  1_555 A U 28 1_555 0.496  -2.214 3.100 1.257  9.750  20.487 -8.454 -0.895 1.887 25.596 -3.300 
22.700 3  AA_A3G4:U28U29_AA   A 3  ? A 29 ? A 4  ? A 28 ? 
1 A G 4  1_555 A U 28 1_555 A C 5  1_555 A G 27 1_555 0.019  -1.430 3.222 -0.275 2.268  41.346 -2.259 -0.056 3.142 3.209  0.389  
41.407 4  AA_G4C5:G27U28_AA   A 4  ? A 28 ? A 5  ? A 27 ? 
1 A C 5  1_555 A G 27 1_555 A G 6  1_555 A C 26 1_555 0.077  -1.947 3.373 1.793  6.454  28.310 -5.246 0.227  2.867 12.966 -3.603 
29.076 5  AA_C5G6:C26G27_AA   A 5  ? A 27 ? A 6  ? A 26 ? 
1 A G 6  1_555 A C 26 1_555 A G 7  1_555 A C 25 1_555 0.690  -1.754 3.444 1.035  8.653  30.036 -4.870 -1.089 2.861 16.271 -1.945 
31.247 6  AA_G6G7:C25C26_AA   A 6  ? A 26 ? A 7  ? A 25 ? 
1 A G 7  1_555 A C 25 1_555 A G 8  1_555 A U 24 1_555 -0.596 -1.960 2.957 -5.824 8.776  24.857 -6.055 0.048  2.229 19.317 12.821 
26.964 7  AA_G7G8:U24C25_AA   A 7  ? A 25 ? A 8  ? A 24 ? 
1 A G 8  1_555 A U 24 1_555 A C 9  1_555 A G 23 1_555 0.077  -1.497 3.145 -0.442 5.110  39.311 -2.765 -0.161 2.934 7.557  0.654  
39.631 8  AA_G8C9:G23U24_AA   A 8  ? A 24 ? A 9  ? A 23 ? 
1 A C 9  1_555 A G 23 1_555 A G 10 1_555 A C 22 1_555 0.644  -1.962 3.363 2.244  11.040 29.161 -5.598 -0.800 2.513 20.966 -4.261 
31.217 9  AA_C9G10:C22G23_AA  A 9  ? A 23 ? A 10 ? A 22 ? 
1 A G 10 1_555 A C 22 1_555 A G 11 1_555 A C 21 1_555 -0.043 -2.076 3.327 0.207  6.432  28.760 -5.387 0.126  2.806 12.748 -0.409 
29.457 10 AA_G10G11:C21C22_AA A 10 ? A 22 ? A 11 ? A 21 ? 
1 A G 11 1_555 A C 21 1_555 A G 12 1_555 A C 20 1_555 0.757  -2.106 3.270 3.115  7.128  29.948 -5.247 -0.853 2.770 13.508 -5.903 
30.919 11 AA_G11G12:C20C21_AA A 11 ? A 21 ? A 12 ? A 20 ? 
1 A G 12 1_555 A C 20 1_555 A U 13 1_555 A A 17 1_555 -1.920 -1.934 3.191 -0.163 1.921  87.619 -1.436 1.383  3.160 1.387  0.118  
87.636 12 AA_G12U13:A17C20_AA A 12 ? A 20 ? A 13 ? A 17 ? 
# 
loop_
_pdbx_audit_support.funding_organization 
_pdbx_audit_support.country 
_pdbx_audit_support.grant_number 
_pdbx_audit_support.ordinal 
'National Institutes of Health/National Human Genome Research Institute (NIH/NHGRI)' 'United States' 'R01 GM058443' 1 
'National Institutes of Health/National Human Genome Research Institute (NIH/NHGRI)' 'United States' 'R35 GM118108' 2 
'National Institutes of Health/National Human Genome Research Institute (NIH/NHGRI)' 'United States' 'T32 GM008152' 3 
'National Institutes of Health/National Human Genome Research Institute (NIH/NHGRI)' 'United States' 'T32 GM008382' 4 
# 
_pdbx_initial_refinement_model.accession_code   1EHZ 
_pdbx_initial_refinement_model.id               1 
_pdbx_initial_refinement_model.entity_id_list   ? 
_pdbx_initial_refinement_model.type             'experimental model' 
_pdbx_initial_refinement_model.source_name      PDB 
_pdbx_initial_refinement_model.details          'homology model' 
# 
_atom_sites.entry_id                    6UGJ 
_atom_sites.Cartn_transf_matrix[1][1]   ? 
_atom_sites.Cartn_transf_matrix[1][2]   ? 
_atom_sites.Cartn_transf_matrix[1][3]   ? 
_atom_sites.Cartn_transf_matrix[2][1]   ? 
_atom_sites.Cartn_transf_matrix[2][2]   ? 
_atom_sites.Cartn_transf_matrix[2][3]   ? 
_atom_sites.Cartn_transf_matrix[3][1]   ? 
_atom_sites.Cartn_transf_matrix[3][2]   ? 
_atom_sites.Cartn_transf_matrix[3][3]   ? 
_atom_sites.Cartn_transf_vector[1]      ? 
_atom_sites.Cartn_transf_vector[2]      ? 
_atom_sites.Cartn_transf_vector[3]      ? 
_atom_sites.fract_transf_matrix[1][1]   -0.00807051 
_atom_sites.fract_transf_matrix[1][2]   -0.01246264 
_atom_sites.fract_transf_matrix[1][3]   0.02175203 
_atom_sites.fract_transf_matrix[2][1]   -0.00330029 
_atom_sites.fract_transf_matrix[2][2]   0.01342963 
_atom_sites.fract_transf_matrix[2][3]   0.02241290 
_atom_sites.fract_transf_matrix[3][1]   -0.00366934 
_atom_sites.fract_transf_matrix[3][2]   0.00070052 
_atom_sites.fract_transf_matrix[3][3]   -0.00096005 
_atom_sites.fract_transf_vector[1]      -0.105534 
_atom_sites.fract_transf_vector[2]      -0.317484 
_atom_sites.fract_transf_vector[3]      -0.095177 
_atom_sites.solution_primary            ? 
_atom_sites.solution_secondary          ? 
_atom_sites.solution_hydrogens          ? 
_atom_sites.special_details             ? 
# 
loop_
_atom_type.symbol 
C 
N 
O 
P 
S 
# 
loop_
_atom_site.group_PDB 
_atom_site.id 
_atom_site.type_symbol 
_atom_site.label_atom_id 
_atom_site.label_alt_id 
_atom_site.label_comp_id 
_atom_site.label_asym_id 
_atom_site.label_entity_id 
_atom_site.label_seq_id 
_atom_site.pdbx_PDB_ins_code 
_atom_site.Cartn_x 
_atom_site.Cartn_y 
_atom_site.Cartn_z 
_atom_site.occupancy 
_atom_site.B_iso_or_equiv 
_atom_site.pdbx_formal_charge 
_atom_site.auth_seq_id 
_atom_site.auth_comp_id 
_atom_site.auth_asym_id 
_atom_site.auth_atom_id 
_atom_site.pdbx_PDB_model_num 
ATOM   1   P P     . G   A 1 1  ? 12.182  -12.252 3.674   1.00 56.27  ? 1   G   A P     1 
ATOM   2   O OP1   . G   A 1 1  ? 11.002  -13.044 3.240   1.00 66.60  ? 1   G   A OP1   1 
ATOM   3   O OP2   . G   A 1 1  ? 12.480  -10.969 2.999   1.00 52.37  ? 1   G   A OP2   1 
ATOM   4   O "O5'" . G   A 1 1  ? 11.930  -11.912 5.203   1.00 45.50  ? 1   G   A "O5'" 1 
ATOM   5   C "C5'" . G   A 1 1  ? 11.491  -12.895 6.126   1.00 42.35  ? 1   G   A "C5'" 1 
ATOM   6   C "C4'" . G   A 1 1  ? 11.601  -12.310 7.501   1.00 41.49  ? 1   G   A "C4'" 1 
ATOM   7   O "O4'" . G   A 1 1  ? 12.992  -11.952 7.730   1.00 37.95  ? 1   G   A "O4'" 1 
ATOM   8   C "C3'" . G   A 1 1  ? 10.856  -10.998 7.725   1.00 39.09  ? 1   G   A "C3'" 1 
ATOM   9   O "O3'" . G   A 1 1  ? 9.474   -11.190 8.023   1.00 39.71  ? 1   G   A "O3'" 1 
ATOM   10  C "C2'" . G   A 1 1  ? 11.606  -10.468 8.932   1.00 37.14  ? 1   G   A "C2'" 1 
ATOM   11  O "O2'" . G   A 1 1  ? 11.184  -11.058 10.147  1.00 36.25  ? 1   G   A "O2'" 1 
ATOM   12  C "C1'" . G   A 1 1  ? 13.049  -10.790 8.549   1.00 35.17  ? 1   G   A "C1'" 1 
ATOM   13  N N9    . G   A 1 1  ? 13.639  -9.719  7.759   1.00 29.46  ? 1   G   A N9    1 
ATOM   14  C C8    . G   A 1 1  ? 13.956  -9.755  6.425   1.00 28.34  ? 1   G   A C8    1 
ATOM   15  N N7    . G   A 1 1  ? 14.441  -8.629  5.984   1.00 30.35  ? 1   G   A N7    1 
ATOM   16  C C5    . G   A 1 1  ? 14.392  -7.781  7.083   1.00 25.83  ? 1   G   A C5    1 
ATOM   17  C C6    . G   A 1 1  ? 14.748  -6.421  7.197   1.00 28.26  ? 1   G   A C6    1 
ATOM   18  O O6    . G   A 1 1  ? 15.185  -5.660  6.318   1.00 28.71  ? 1   G   A O6    1 
ATOM   19  N N1    . G   A 1 1  ? 14.565  -5.955  8.489   1.00 22.95  ? 1   G   A N1    1 
ATOM   20  C C2    . G   A 1 1  ? 14.053  -6.686  9.529   1.00 27.71  ? 1   G   A C2    1 
ATOM   21  N N2    . G   A 1 1  ? 13.920  -6.038  10.694  1.00 26.79  ? 1   G   A N2    1 
ATOM   22  N N3    . G   A 1 1  ? 13.712  -7.964  9.434   1.00 26.86  ? 1   G   A N3    1 
ATOM   23  C C4    . G   A 1 1  ? 13.883  -8.433  8.181   1.00 25.47  ? 1   G   A C4    1 
ATOM   24  P P     . G   A 1 2  ? 8.376   -10.105 7.607   1.00 40.56  ? 2   G   A P     1 
ATOM   25  O OP1   . G   A 1 2  ? 7.059   -10.751 7.794   1.00 38.52  ? 2   G   A OP1   1 
ATOM   26  O OP2   . G   A 1 2  ? 8.748   -9.602  6.277   1.00 33.87  ? 2   G   A OP2   1 
ATOM   27  O "O5'" . G   A 1 2  ? 8.550   -8.951  8.696   1.00 36.42  ? 2   G   A "O5'" 1 
ATOM   28  C "C5'" . G   A 1 2  ? 8.213   -9.234  10.065  1.00 35.67  ? 2   G   A "C5'" 1 
ATOM   29  C "C4'" . G   A 1 2  ? 8.636   -8.110  10.967  1.00 37.92  ? 2   G   A "C4'" 1 
ATOM   30  O "O4'" . G   A 1 2  ? 10.048  -7.816  10.770  1.00 39.46  ? 2   G   A "O4'" 1 
ATOM   31  C "C3'" . G   A 1 2  ? 7.969   -6.775  10.701  1.00 34.36  ? 2   G   A "C3'" 1 
ATOM   32  O "O3'" . G   A 1 2  ? 6.646   -6.702  11.199  1.00 37.15  ? 2   G   A "O3'" 1 
ATOM   33  C "C2'" . G   A 1 2  ? 8.928   -5.846  11.422  1.00 31.99  ? 2   G   A "C2'" 1 
ATOM   34  O "O2'" . G   A 1 2  ? 8.838   -5.850  12.831  1.00 36.17  ? 2   G   A "O2'" 1 
ATOM   35  C "C1'" . G   A 1 2  ? 10.269  -6.427  10.983  1.00 34.18  ? 2   G   A "C1'" 1 
ATOM   36  N N9    . G   A 1 2  ? 10.749  -5.841  9.741   1.00 33.11  ? 2   G   A N9    1 
ATOM   37  C C8    . G   A 1 2  ? 10.803  -6.435  8.502   1.00 26.47  ? 2   G   A C8    1 
ATOM   38  N N7    . G   A 1 2  ? 11.278  -5.652  7.578   1.00 31.76  ? 2   G   A N7    1 
ATOM   39  C C5    . G   A 1 2  ? 11.562  -4.466  8.244   1.00 31.87  ? 2   G   A C5    1 
ATOM   40  C C6    . G   A 1 2  ? 12.059  -3.227  7.747   1.00 32.95  ? 2   G   A C6    1 
ATOM   41  O O6    . G   A 1 2  ? 12.397  -2.947  6.598   1.00 31.59  ? 2   G   A O6    1 
ATOM   42  N N1    . G   A 1 2  ? 12.120  -2.263  8.747   1.00 29.70  ? 2   G   A N1    1 
ATOM   43  C C2    . G   A 1 2  ? 11.800  -2.474  10.067  1.00 32.34  ? 2   G   A C2    1 
ATOM   44  N N2    . G   A 1 2  ? 11.946  -1.427  10.892  1.00 36.30  ? 2   G   A N2    1 
ATOM   45  N N3    . G   A 1 2  ? 11.324  -3.615  10.539  1.00 34.11  ? 2   G   A N3    1 
ATOM   46  C C4    . G   A 1 2  ? 11.231  -4.560  9.575   1.00 29.52  ? 2   G   A C4    1 
ATOM   47  P P     . A   A 1 3  ? 5.595   -5.759  10.445  1.00 37.50  ? 3   A   A P     1 
ATOM   48  O OP1   . A   A 1 3  ? 4.314   -5.931  11.101  1.00 38.66  ? 3   A   A OP1   1 
ATOM   49  O OP2   . A   A 1 3  ? 5.739   -5.945  8.985   1.00 34.15  ? 3   A   A OP2   1 
ATOM   50  O "O5'" . A   A 1 3  ? 6.186   -4.324  10.767  1.00 29.33  ? 3   A   A "O5'" 1 
ATOM   51  C "C5'" . A   A 1 3  ? 6.148   -3.847  12.136  1.00 30.13  ? 3   A   A "C5'" 1 
ATOM   52  C "C4'" . A   A 1 3  ? 6.597   -2.414  12.207  1.00 29.21  ? 3   A   A "C4'" 1 
ATOM   53  O "O4'" . A   A 1 3  ? 7.987   -2.312  11.825  1.00 27.33  ? 3   A   A "O4'" 1 
ATOM   54  C "C3'" . A   A 1 3  ? 5.884   -1.463  11.258  1.00 28.24  ? 3   A   A "C3'" 1 
ATOM   55  O "O3'" . A   A 1 3  ? 4.606   -1.201  11.843  1.00 31.30  ? 3   A   A "O3'" 1 
ATOM   56  C "C2'" . A   A 1 3  ? 6.878   -0.319  11.177  1.00 27.36  ? 3   A   A "C2'" 1 
ATOM   57  O "O2'" . A   A 1 3  ? 6.807   0.460   12.354  1.00 29.38  ? 3   A   A "O2'" 1 
ATOM   58  C "C1'" . A   A 1 3  ? 8.201   -1.091  11.118  1.00 25.52  ? 3   A   A "C1'" 1 
ATOM   59  N N9    . A   A 1 3  ? 8.553   -1.420  9.735   1.00 23.65  ? 3   A   A N9    1 
ATOM   60  C C8    . A   A 1 3  ? 8.335   -2.570  9.019   1.00 25.28  ? 3   A   A C8    1 
ATOM   61  N N7    . A   A 1 3  ? 8.724   -2.491  7.765   1.00 26.25  ? 3   A   A N7    1 
ATOM   62  C C5    . A   A 1 3  ? 9.218   -1.200  7.654   1.00 22.61  ? 3   A   A C5    1 
ATOM   63  C C6    . A   A 1 3  ? 9.739   -0.480  6.566   1.00 24.58  ? 3   A   A C6    1 
ATOM   64  N N6    . A   A 1 3  ? 9.913   -1.009  5.355   1.00 23.74  ? 3   A   A N6    1 
ATOM   65  N N1    . A   A 1 3  ? 10.074  0.813   6.769   1.00 24.93  ? 3   A   A N1    1 
ATOM   66  C C2    . A   A 1 3  ? 9.891   1.342   7.987   1.00 26.45  ? 3   A   A C2    1 
ATOM   67  N N3    . A   A 1 3  ? 9.394   0.767   9.089   1.00 25.23  ? 3   A   A N3    1 
ATOM   68  C C4    . A   A 1 3  ? 9.048   -0.507  8.839   1.00 22.95  ? 3   A   A C4    1 
ATOM   69  P P     . G   A 1 4  ? 3.406   -0.732  10.936  1.00 29.55  ? 4   G   A P     1 
ATOM   70  O OP1   . G   A 1 4  ? 2.168   -0.715  11.758  1.00 34.10  ? 4   G   A OP1   1 
ATOM   71  O OP2   . G   A 1 4  ? 3.424   -1.503  9.637   1.00 25.46  ? 4   G   A OP2   1 
ATOM   72  O "O5'" . G   A 1 4  ? 3.903   0.600   10.225  1.00 31.12  ? 4   G   A "O5'" 1 
ATOM   73  C "C5'" . G   A 1 4  ? 3.682   1.892   10.745  1.00 38.24  ? 4   G   A "C5'" 1 
ATOM   74  C "C4'" . G   A 1 4  ? 4.495   2.923   10.014  1.00 32.37  ? 4   G   A "C4'" 1 
ATOM   75  O "O4'" . G   A 1 4  ? 5.784   2.432   9.580   1.00 29.23  ? 4   G   A "O4'" 1 
ATOM   76  C "C3'" . G   A 1 4  ? 3.970   3.553   8.729   1.00 26.32  ? 4   G   A "C3'" 1 
ATOM   77  O "O3'" . G   A 1 4  ? 2.835   4.338   9.008   1.00 22.39  ? 4   G   A "O3'" 1 
ATOM   78  C "C2'" . G   A 1 4  ? 5.191   4.392   8.383   1.00 26.11  ? 4   G   A "C2'" 1 
ATOM   79  O "O2'" . G   A 1 4  ? 5.270   5.557   9.224   1.00 29.41  ? 4   G   A "O2'" 1 
ATOM   80  C "C1'" . G   A 1 4  ? 6.320   3.379   8.633   1.00 26.12  ? 4   G   A "C1'" 1 
ATOM   81  N N9    . G   A 1 4  ? 6.683   2.656   7.408   1.00 23.37  ? 4   G   A N9    1 
ATOM   82  C C8    . G   A 1 4  ? 6.402   1.351   7.096   1.00 24.16  ? 4   G   A C8    1 
ATOM   83  N N7    . G   A 1 4  ? 6.809   1.007   5.894   1.00 25.86  ? 4   G   A N7    1 
ATOM   84  C C5    . G   A 1 4  ? 7.365   2.171   5.375   1.00 20.32  ? 4   G   A C5    1 
ATOM   85  C C6    . G   A 1 4  ? 8.010   2.407   4.127   1.00 22.82  ? 4   G   A C6    1 
ATOM   86  O O6    . G   A 1 4  ? 8.152   1.622   3.171   1.00 24.44  ? 4   G   A O6    1 
ATOM   87  N N1    . G   A 1 4  ? 8.410   3.738   4.002   1.00 21.58  ? 4   G   A N1    1 
ATOM   88  C C2    . G   A 1 4  ? 8.284   4.695   4.989   1.00 22.05  ? 4   G   A C2    1 
ATOM   89  N N2    . G   A 1 4  ? 8.754   5.916   4.709   1.00 24.71  ? 4   G   A N2    1 
ATOM   90  N N3    . G   A 1 4  ? 7.763   4.459   6.184   1.00 22.20  ? 4   G   A N3    1 
ATOM   91  C C4    . G   A 1 4  ? 7.290   3.201   6.293   1.00 19.57  ? 4   G   A C4    1 
ATOM   92  P P     . C   A 1 5  ? 1.605   4.402   8.020   1.00 24.50  ? 5   C   A P     1 
ATOM   93  O OP1   . C   A 1 5  ? 0.542   5.205   8.691   1.00 23.11  ? 5   C   A OP1   1 
ATOM   94  O OP2   . C   A 1 5  ? 1.345   3.017   7.538   1.00 23.94  ? 5   C   A OP2   1 
ATOM   95  O "O5'" . C   A 1 5  ? 2.183   5.247   6.787   1.00 23.35  ? 5   C   A "O5'" 1 
ATOM   96  C "C5'" . C   A 1 5  ? 2.480   6.645   6.961   1.00 22.74  ? 5   C   A "C5'" 1 
ATOM   97  C "C4'" . C   A 1 5  ? 3.250   7.200   5.772   1.00 20.22  ? 5   C   A "C4'" 1 
ATOM   98  O "O4'" . C   A 1 5  ? 4.564   6.555   5.622   1.00 21.43  ? 5   C   A "O4'" 1 
ATOM   99  C "C3'" . C   A 1 5  ? 2.652   7.065   4.379   1.00 21.47  ? 5   C   A "C3'" 1 
ATOM   100 O "O3'" . C   A 1 5  ? 1.551   7.937   4.248   1.00 24.62  ? 5   C   A "O3'" 1 
ATOM   101 C "C2'" . C   A 1 5  ? 3.862   7.428   3.555   1.00 22.05  ? 5   C   A "C2'" 1 
ATOM   102 O "O2'" . C   A 1 5  ? 4.115   8.815   3.648   1.00 23.53  ? 5   C   A "O2'" 1 
ATOM   103 C "C1'" . C   A 1 5  ? 4.943   6.592   4.265   1.00 21.20  ? 5   C   A "C1'" 1 
ATOM   104 N N1    . C   A 1 5  ? 4.976   5.208   3.779   1.00 21.28  ? 5   C   A N1    1 
ATOM   105 C C2    . C   A 1 5  ? 5.602   4.953   2.558   1.00 23.03  ? 5   C   A C2    1 
ATOM   106 O O2    . C   A 1 5  ? 6.192   5.891   1.984   1.00 21.74  ? 5   C   A O2    1 
ATOM   107 N N3    . C   A 1 5  ? 5.555   3.694   2.038   1.00 24.17  ? 5   C   A N3    1 
ATOM   108 C C4    . C   A 1 5  ? 4.957   2.716   2.728   1.00 22.86  ? 5   C   A C4    1 
ATOM   109 N N4    . C   A 1 5  ? 4.944   1.480   2.197   1.00 20.91  ? 5   C   A N4    1 
ATOM   110 C C5    . C   A 1 5  ? 4.268   2.970   3.949   1.00 22.05  ? 5   C   A C5    1 
ATOM   111 C C6    . C   A 1 5  ? 4.318   4.212   4.442   1.00 21.72  ? 5   C   A C6    1 
ATOM   112 P P     . G   A 1 6  ? 0.384   7.733   3.180   1.00 27.10  ? 6   G   A P     1 
ATOM   113 O OP1   . G   A 1 6  ? -0.582  8.802   3.452   1.00 24.68  ? 6   G   A OP1   1 
ATOM   114 O OP2   . G   A 1 6  ? -0.100  6.344   3.228   1.00 24.26  ? 6   G   A OP2   1 
ATOM   115 O "O5'" . G   A 1 6  ? 1.125   7.885   1.778   1.00 23.61  ? 6   G   A "O5'" 1 
ATOM   116 C "C5'" . G   A 1 6  ? 1.697   9.144   1.387   1.00 23.60  ? 6   G   A "C5'" 1 
ATOM   117 C "C4'" . G   A 1 6  ? 2.385   9.010   0.042   1.00 25.54  ? 6   G   A "C4'" 1 
ATOM   118 O "O4'" . G   A 1 6  ? 3.562   8.161   0.172   1.00 25.36  ? 6   G   A "O4'" 1 
ATOM   119 C "C3'" . G   A 1 6  ? 1.593   8.353   -1.073  1.00 23.47  ? 6   G   A "C3'" 1 
ATOM   120 O "O3'" . G   A 1 6  ? 0.645   9.238   -1.646  1.00 27.06  ? 6   G   A "O3'" 1 
ATOM   121 C "C2'" . G   A 1 6  ? 2.724   8.007   -2.024  1.00 24.25  ? 6   G   A "C2'" 1 
ATOM   122 O "O2'" . G   A 1 6  ? 3.212   9.168   -2.665  1.00 28.69  ? 6   G   A "O2'" 1 
ATOM   123 C "C1'" . G   A 1 6  ? 3.751   7.444   -1.033  1.00 23.24  ? 6   G   A "C1'" 1 
ATOM   124 N N9    . G   A 1 6  ? 3.501   6.029   -0.779  1.00 21.46  ? 6   G   A N9    1 
ATOM   125 C C8    . G   A 1 6  ? 2.894   5.416   0.290   1.00 21.05  ? 6   G   A C8    1 
ATOM   126 N N7    . G   A 1 6  ? 2.834   4.113   0.170   1.00 21.82  ? 6   G   A N7    1 
ATOM   127 C C5    . G   A 1 6  ? 3.446   3.854   -1.050  1.00 21.90  ? 6   G   A C5    1 
ATOM   128 C C6    . G   A 1 6  ? 3.655   2.628   -1.732  1.00 23.02  ? 6   G   A C6    1 
ATOM   129 O O6    . G   A 1 6  ? 3.358   1.487   -1.365  1.00 23.52  ? 6   G   A O6    1 
ATOM   130 N N1    . G   A 1 6  ? 4.292   2.822   -2.958  1.00 23.27  ? 6   G   A N1    1 
ATOM   131 C C2    . G   A 1 6  ? 4.676   4.044   -3.459  1.00 24.01  ? 6   G   A C2    1 
ATOM   132 N N2    . G   A 1 6  ? 5.266   4.039   -4.674  1.00 25.12  ? 6   G   A N2    1 
ATOM   133 N N3    . G   A 1 6  ? 4.491   5.194   -2.821  1.00 23.28  ? 6   G   A N3    1 
ATOM   134 C C4    . G   A 1 6  ? 3.833   5.028   -1.662  1.00 24.66  ? 6   G   A C4    1 
ATOM   135 P P     . G   A 1 7  ? -0.749  8.707   -2.229  1.00 29.72  ? 7   G   A P     1 
ATOM   136 O OP1   . G   A 1 7  ? -1.552  9.885   -2.573  1.00 29.74  ? 7   G   A OP1   1 
ATOM   137 O OP2   . G   A 1 7  ? -1.287  7.660   -1.357  1.00 28.09  ? 7   G   A OP2   1 
ATOM   138 O "O5'" . G   A 1 7  ? -0.278  7.973   -3.576  1.00 25.89  ? 7   G   A "O5'" 1 
ATOM   139 C "C5'" . G   A 1 7  ? 0.300   8.705   -4.641  1.00 26.10  ? 7   G   A "C5'" 1 
ATOM   140 C "C4'" . G   A 1 7  ? 0.960   7.765   -5.632  1.00 28.46  ? 7   G   A "C4'" 1 
ATOM   141 O "O4'" . G   A 1 7  ? 1.915   6.900   -4.946  1.00 27.49  ? 7   G   A "O4'" 1 
ATOM   142 C "C3'" . G   A 1 7  ? 0.038   6.790   -6.340  1.00 27.52  ? 7   G   A "C3'" 1 
ATOM   143 O "O3'" . G   A 1 7  ? -0.626  7.361   -7.457  1.00 28.61  ? 7   G   A "O3'" 1 
ATOM   144 C "C2'" . G   A 1 7  ? 1.028   5.741   -6.810  1.00 26.87  ? 7   G   A "C2'" 1 
ATOM   145 O "O2'" . G   A 1 7  ? 1.719   6.184   -7.954  1.00 26.93  ? 7   G   A "O2'" 1 
ATOM   146 C "C1'" . G   A 1 7  ? 1.937   5.622   -5.578  1.00 28.07  ? 7   G   A "C1'" 1 
ATOM   147 N N9    . G   A 1 7  ? 1.475   4.600   -4.630  1.00 22.87  ? 7   G   A N9    1 
ATOM   148 C C8    . G   A 1 7  ? 0.891   4.751   -3.389  1.00 25.15  ? 7   G   A C8    1 
ATOM   149 N N7    . G   A 1 7  ? 0.597   3.607   -2.818  1.00 24.69  ? 7   G   A N7    1 
ATOM   150 C C5    . G   A 1 7  ? 0.970   2.647   -3.759  1.00 24.90  ? 7   G   A C5    1 
ATOM   151 C C6    . G   A 1 7  ? 0.894   1.208   -3.717  1.00 24.42  ? 7   G   A C6    1 
ATOM   152 O O6    . G   A 1 7  ? 0.440   0.479   -2.820  1.00 27.11  ? 7   G   A O6    1 
ATOM   153 N N1    . G   A 1 7  ? 1.413   0.632   -4.878  1.00 25.01  ? 7   G   A N1    1 
ATOM   154 C C2    . G   A 1 7  ? 1.918   1.339   -5.948  1.00 24.77  ? 7   G   A C2    1 
ATOM   155 N N2    . G   A 1 7  ? 2.366   0.616   -6.986  1.00 27.00  ? 7   G   A N2    1 
ATOM   156 N N3    . G   A 1 7  ? 2.043   2.663   -5.976  1.00 23.15  ? 7   G   A N3    1 
ATOM   157 C C4    . G   A 1 7  ? 1.514   3.247   -4.878  1.00 24.66  ? 7   G   A C4    1 
ATOM   158 P P     . G   A 1 8  ? -2.044  6.758   -7.946  1.00 29.71  ? 8   G   A P     1 
ATOM   159 O OP1   . G   A 1 8  ? -2.687  7.782   -8.786  1.00 30.60  ? 8   G   A OP1   1 
ATOM   160 O OP2   . G   A 1 8  ? -2.779  6.190   -6.817  1.00 29.22  ? 8   G   A OP2   1 
ATOM   161 O "O5'" . G   A 1 8  ? -1.580  5.470   -8.784  1.00 27.53  ? 8   G   A "O5'" 1 
ATOM   162 C "C5'" . G   A 1 8  ? -0.908  5.614   -10.065 1.00 24.86  ? 8   G   A "C5'" 1 
ATOM   163 C "C4'" . G   A 1 8  ? -0.808  4.265   -10.741 1.00 23.00  ? 8   G   A "C4'" 1 
ATOM   164 O "O4'" . G   A 1 8  ? 0.096   3.425   -9.972  1.00 23.15  ? 8   G   A "O4'" 1 
ATOM   165 C "C3'" . G   A 1 8  ? -2.063  3.418   -10.804 1.00 22.38  ? 8   G   A "C3'" 1 
ATOM   166 O "O3'" . G   A 1 8  ? -2.878  3.856   -11.841 1.00 26.28  ? 8   G   A "O3'" 1 
ATOM   167 C "C2'" . G   A 1 8  ? -1.463  2.046   -11.080 1.00 24.40  ? 8   G   A "C2'" 1 
ATOM   168 O "O2'" . G   A 1 8  ? -0.956  1.953   -12.409 1.00 25.77  ? 8   G   A "O2'" 1 
ATOM   169 C "C1'" . G   A 1 8  ? -0.270  2.065   -10.118 1.00 23.64  ? 8   G   A "C1'" 1 
ATOM   170 N N9    . G   A 1 8  ? -0.615  1.535   -8.802  1.00 22.03  ? 8   G   A N9    1 
ATOM   171 C C8    . G   A 1 8  ? -0.892  2.213   -7.639  1.00 22.83  ? 8   G   A C8    1 
ATOM   172 N N7    . G   A 1 8  ? -1.246  1.425   -6.658  1.00 23.63  ? 8   G   A N7    1 
ATOM   173 C C5    . G   A 1 8  ? -1.142  0.146   -7.194  1.00 22.29  ? 8   G   A C5    1 
ATOM   174 C C6    . G   A 1 8  ? -1.362  -1.123  -6.602  1.00 26.45  ? 8   G   A C6    1 
ATOM   175 O O6    . G   A 1 8  ? -1.681  -1.387  -5.434  1.00 24.96  ? 8   G   A O6    1 
ATOM   176 N N1    . G   A 1 8  ? -1.177  -2.153  -7.519  1.00 24.18  ? 8   G   A N1    1 
ATOM   177 C C2    . G   A 1 8  ? -0.842  -1.989  -8.835  1.00 26.21  ? 8   G   A C2    1 
ATOM   178 N N2    . G   A 1 8  ? -0.724  -3.120  -9.562  1.00 23.77  ? 8   G   A N2    1 
ATOM   179 N N3    . G   A 1 8  ? -0.604  -0.813  -9.394  1.00 24.71  ? 8   G   A N3    1 
ATOM   180 C C4    . G   A 1 8  ? -0.798  0.204   -8.528  1.00 23.68  ? 8   G   A C4    1 
ATOM   181 P P     . C   A 1 9  ? -4.470  3.754   -11.717 1.00 27.12  ? 9   C   A P     1 
ATOM   182 O OP1   . C   A 1 9  ? -5.030  4.335   -12.939 1.00 28.23  ? 9   C   A OP1   1 
ATOM   183 O OP2   . C   A 1 9  ? -4.885  4.197   -10.364 1.00 28.59  ? 9   C   A OP2   1 
ATOM   184 O "O5'" . C   A 1 9  ? -4.712  2.183   -11.685 1.00 24.24  ? 9   C   A "O5'" 1 
ATOM   185 C "C5'" . C   A 1 9  ? -4.537  1.385   -12.876 1.00 22.03  ? 9   C   A "C5'" 1 
ATOM   186 C "C4'" . C   A 1 9  ? -4.647  -0.103  -12.545 1.00 24.05  ? 9   C   A "C4'" 1 
ATOM   187 O "O4'" . C   A 1 9  ? -3.643  -0.480  -11.567 1.00 22.64  ? 9   C   A "O4'" 1 
ATOM   188 C "C3'" . C   A 1 9  ? -5.936  -0.592  -11.923 1.00 22.15  ? 9   C   A "C3'" 1 
ATOM   189 O "O3'" . C   A 1 9  ? -6.977  -0.621  -12.888 1.00 27.14  ? 9   C   A "O3'" 1 
ATOM   190 C "C2'" . C   A 1 9  ? -5.497  -1.952  -11.409 1.00 22.79  ? 9   C   A "C2'" 1 
ATOM   191 O "O2'" . C   A 1 9  ? -5.376  -2.936  -12.424 1.00 25.15  ? 9   C   A "O2'" 1 
ATOM   192 C "C1'" . C   A 1 9  ? -4.124  -1.604  -10.815 1.00 23.61  ? 9   C   A "C1'" 1 
ATOM   193 N N1    . C   A 1 9  ? -4.219  -1.236  -9.391  1.00 23.66  ? 9   C   A N1    1 
ATOM   194 C C2    . C   A 1 9  ? -4.375  -2.264  -8.447  1.00 22.44  ? 9   C   A C2    1 
ATOM   195 O O2    . C   A 1 9  ? -4.381  -3.454  -8.837  1.00 24.20  ? 9   C   A O2    1 
ATOM   196 N N3    . C   A 1 9  ? -4.641  -1.937  -7.161  1.00 23.88  ? 9   C   A N3    1 
ATOM   197 C C4    . C   A 1 9  ? -4.645  -0.658  -6.786  1.00 25.00  ? 9   C   A C4    1 
ATOM   198 N N4    . C   A 1 9  ? -4.868  -0.390  -5.496  1.00 26.49  ? 9   C   A N4    1 
ATOM   199 C C5    . C   A 1 9  ? -4.538  0.403   -7.728  1.00 27.96  ? 9   C   A C5    1 
ATOM   200 C C6    . C   A 1 9  ? -4.323  0.073   -9.010  1.00 25.82  ? 9   C   A C6    1 
ATOM   201 P P     . G   A 1 10 ? -8.488  -0.329  -12.460 1.00 28.20  ? 10  G   A P     1 
ATOM   202 O OP1   . G   A 1 10 ? -9.273  -0.360  -13.709 1.00 25.37  ? 10  G   A OP1   1 
ATOM   203 O OP2   . G   A 1 10 ? -8.508  0.857   -11.605 1.00 27.69  ? 10  G   A OP2   1 
ATOM   204 O "O5'" . G   A 1 10 ? -8.864  -1.554  -11.505 1.00 27.52  ? 10  G   A "O5'" 1 
ATOM   205 C "C5'" . G   A 1 10 ? -9.159  -2.800  -12.119 1.00 27.92  ? 10  G   A "C5'" 1 
ATOM   206 C "C4'" . G   A 1 10 ? -9.225  -3.920  -11.127 1.00 26.31  ? 10  G   A "C4'" 1 
ATOM   207 O "O4'" . G   A 1 10 ? -8.020  -3.961  -10.292 1.00 24.83  ? 10  G   A "O4'" 1 
ATOM   208 C "C3'" . G   A 1 10 ? -10.361 -3.848  -10.118 1.00 27.46  ? 10  G   A "C3'" 1 
ATOM   209 O "O3'" . G   A 1 10 ? -11.567 -4.126  -10.777 1.00 33.00  ? 10  G   A "O3'" 1 
ATOM   210 C "C2'" . G   A 1 10 ? -9.863  -4.869  -9.124  1.00 26.48  ? 10  G   A "C2'" 1 
ATOM   211 O "O2'" . G   A 1 10 ? -10.058 -6.174  -9.623  1.00 27.73  ? 10  G   A "O2'" 1 
ATOM   212 C "C1'" . G   A 1 10 ? -8.386  -4.447  -9.014  1.00 25.73  ? 10  G   A "C1'" 1 
ATOM   213 N N9    . G   A 1 10 ? -8.225  -3.386  -8.029  1.00 27.09  ? 10  G   A N9    1 
ATOM   214 C C8    . G   A 1 10 ? -7.991  -2.044  -8.207  1.00 28.73  ? 10  G   A C8    1 
ATOM   215 N N7    . G   A 1 10 ? -7.940  -1.380  -7.082  1.00 27.25  ? 10  G   A N7    1 
ATOM   216 C C5    . G   A 1 10 ? -8.121  -2.353  -6.102  1.00 26.40  ? 10  G   A C5    1 
ATOM   217 C C6    . G   A 1 10 ? -8.197  -2.240  -4.681  1.00 28.95  ? 10  G   A C6    1 
ATOM   218 O O6    . G   A 1 10 ? -8.068  -1.240  -3.985  1.00 30.60  ? 10  G   A O6    1 
ATOM   219 N N1    . G   A 1 10 ? -8.432  -3.471  -4.078  1.00 29.92  ? 10  G   A N1    1 
ATOM   220 C C2    . G   A 1 10 ? -8.583  -4.659  -4.748  1.00 32.75  ? 10  G   A C2    1 
ATOM   221 N N2    . G   A 1 10 ? -8.815  -5.743  -3.993  1.00 29.45  ? 10  G   A N2    1 
ATOM   222 N N3    . G   A 1 10 ? -8.538  -4.773  -6.068  1.00 29.11  ? 10  G   A N3    1 
ATOM   223 C C4    . G   A 1 10 ? -8.331  -3.586  -6.673  1.00 27.37  ? 10  G   A C4    1 
ATOM   224 P P     . G   A 1 11 ? -13.013 -3.623  -10.215 1.00 34.48  ? 11  G   A P     1 
ATOM   225 O OP1   . G   A 1 11 ? -13.972 -4.013  -11.233 1.00 34.94  ? 11  G   A OP1   1 
ATOM   226 O OP2   . G   A 1 11 ? -12.900 -2.202  -9.783  1.00 35.03  ? 11  G   A OP2   1 
ATOM   227 O "O5'" . G   A 1 11 ? -13.188 -4.423  -8.850  1.00 37.83  ? 11  G   A "O5'" 1 
ATOM   228 C "C5'" . G   A 1 11 ? -13.400 -5.845  -8.859  1.00 40.72  ? 11  G   A "C5'" 1 
ATOM   229 C "C4'" . G   A 1 11 ? -13.453 -6.369  -7.446  1.00 39.79  ? 11  G   A "C4'" 1 
ATOM   230 O "O4'" . G   A 1 11 ? -12.189 -6.111  -6.760  1.00 42.70  ? 11  G   A "O4'" 1 
ATOM   231 C "C3'" . G   A 1 11 ? -14.480 -5.721  -6.525  1.00 43.83  ? 11  G   A "C3'" 1 
ATOM   232 O "O3'" . G   A 1 11 ? -15.810 -6.206  -6.703  1.00 48.29  ? 11  G   A "O3'" 1 
ATOM   233 C "C2'" . G   A 1 11 ? -13.937 -6.132  -5.173  1.00 43.81  ? 11  G   A "C2'" 1 
ATOM   234 O "O2'" . G   A 1 11 ? -14.185 -7.499  -4.943  1.00 43.95  ? 11  G   A "O2'" 1 
ATOM   235 C "C1'" . G   A 1 11 ? -12.437 -5.891  -5.380  1.00 41.39  ? 11  G   A "C1'" 1 
ATOM   236 N N9    . G   A 1 11 ? -12.071 -4.522  -5.014  1.00 38.08  ? 11  G   A N9    1 
ATOM   237 C C8    . G   A 1 11 ? -11.878 -3.445  -5.844  1.00 35.57  ? 11  G   A C8    1 
ATOM   238 N N7    . G   A 1 11 ? -11.615 -2.341  -5.198  1.00 35.28  ? 11  G   A N7    1 
ATOM   239 C C5    . G   A 1 11 ? -11.694 -2.701  -3.860  1.00 32.10  ? 11  G   A C5    1 
ATOM   240 C C6    . G   A 1 11 ? -11.547 -1.915  -2.690  1.00 36.81  ? 11  G   A C6    1 
ATOM   241 O O6    . G   A 1 11 ? -11.262 -0.720  -2.596  1.00 36.79  ? 11  G   A O6    1 
ATOM   242 N N1    . G   A 1 11 ? -11.723 -2.674  -1.541  1.00 36.95  ? 11  G   A N1    1 
ATOM   243 C C2    . G   A 1 11 ? -12.016 -4.011  -1.515  1.00 39.10  ? 11  G   A C2    1 
ATOM   244 N N2    . G   A 1 11 ? -12.143 -4.563  -0.303  1.00 37.44  ? 11  G   A N2    1 
ATOM   245 N N3    . G   A 1 11 ? -12.180 -4.753  -2.600  1.00 41.41  ? 11  G   A N3    1 
ATOM   246 C C4    . G   A 1 11 ? -12.012 -4.034  -3.730  1.00 37.57  ? 11  G   A C4    1 
ATOM   247 P P     . G   A 1 12 ? -17.081 -5.242  -6.419  1.00 51.07  ? 12  G   A P     1 
ATOM   248 O OP1   . G   A 1 12 ? -18.270 -5.912  -6.968  1.00 54.92  ? 12  G   A OP1   1 
ATOM   249 O OP2   . G   A 1 12 ? -16.762 -3.849  -6.828  1.00 45.37  ? 12  G   A OP2   1 
ATOM   250 O "O5'" . G   A 1 12 ? -17.087 -5.081  -4.833  1.00 49.79  ? 12  G   A "O5'" 1 
ATOM   251 C "C5'" . G   A 1 12 ? -17.224 -6.195  -3.956  1.00 51.99  ? 12  G   A "C5'" 1 
ATOM   252 C "C4'" . G   A 1 12 ? -16.969 -5.761  -2.532  1.00 53.33  ? 12  G   A "C4'" 1 
ATOM   253 O "O4'" . G   A 1 12 ? -15.705 -5.060  -2.426  1.00 51.04  ? 12  G   A "O4'" 1 
ATOM   254 C "C3'" . G   A 1 12 ? -17.929 -4.755  -1.926  1.00 53.42  ? 12  G   A "C3'" 1 
ATOM   255 O "O3'" . G   A 1 12 ? -19.185 -5.303  -1.546  1.00 63.27  ? 12  G   A "O3'" 1 
ATOM   256 C "C2'" . G   A 1 12 ? -17.142 -4.313  -0.706  1.00 54.77  ? 12  G   A "C2'" 1 
ATOM   257 O "O2'" . G   A 1 12 ? -17.160 -5.313  0.288   1.00 57.59  ? 12  G   A "O2'" 1 
ATOM   258 C "C1'" . G   A 1 12 ? -15.723 -4.236  -1.274  1.00 51.21  ? 12  G   A "C1'" 1 
ATOM   259 N N9    . G   A 1 12 ? -15.269 -2.895  -1.635  1.00 46.63  ? 12  G   A N9    1 
ATOM   260 C C8    . G   A 1 12 ? -15.093 -2.384  -2.898  1.00 43.82  ? 12  G   A C8    1 
ATOM   261 N N7    . G   A 1 12 ? -14.640 -1.160  -2.896  1.00 43.73  ? 12  G   A N7    1 
ATOM   262 C C5    . G   A 1 12 ? -14.511 -0.839  -1.551  1.00 43.34  ? 12  G   A C5    1 
ATOM   263 C C6    . G   A 1 12 ? -14.072 0.359   -0.926  1.00 41.73  ? 12  G   A C6    1 
ATOM   264 O O6    . G   A 1 12 ? -13.678 1.406   -1.453  1.00 41.94  ? 12  G   A O6    1 
ATOM   265 N N1    . G   A 1 12 ? -14.093 0.251   0.462   1.00 47.20  ? 12  G   A N1    1 
ATOM   266 C C2    . G   A 1 12 ? -14.506 -0.861  1.161   1.00 47.24  ? 12  G   A C2    1 
ATOM   267 N N2    . G   A 1 12 ? -14.456 -0.776  2.502   1.00 47.05  ? 12  G   A N2    1 
ATOM   268 N N3    . G   A 1 12 ? -14.902 -1.987  0.590   1.00 44.03  ? 12  G   A N3    1 
ATOM   269 C C4    . G   A 1 12 ? -14.900 -1.899  -0.759  1.00 44.50  ? 12  G   A C4    1 
ATOM   270 P P     . U   A 1 13 ? -20.519 -4.387  -1.597  1.00 66.47  ? 13  U   A P     1 
ATOM   271 O OP1   . U   A 1 13 ? -21.690 -5.275  -1.389  1.00 77.59  ? 13  U   A OP1   1 
ATOM   272 O OP2   . U   A 1 13 ? -20.466 -3.536  -2.810  1.00 64.94  ? 13  U   A OP2   1 
ATOM   273 O "O5'" . U   A 1 13 ? -20.338 -3.419  -0.344  1.00 62.99  ? 13  U   A "O5'" 1 
ATOM   274 C "C5'" . U   A 1 13 ? -20.223 -3.962  0.984   1.00 64.35  ? 13  U   A "C5'" 1 
ATOM   275 C "C4'" . U   A 1 13 ? -19.843 -2.886  1.976   1.00 70.11  ? 13  U   A "C4'" 1 
ATOM   276 O "O4'" . U   A 1 13 ? -18.486 -2.428  1.722   1.00 67.18  ? 13  U   A "O4'" 1 
ATOM   277 C "C3'" . U   A 1 13 ? -20.677 -1.612  1.948   1.00 71.06  ? 13  U   A "C3'" 1 
ATOM   278 O "O3'" . U   A 1 13 ? -21.891 -1.720  2.685   1.00 80.97  ? 13  U   A "O3'" 1 
ATOM   279 C "C2'" . U   A 1 13 ? -19.742 -0.609  2.610   1.00 71.63  ? 13  U   A "C2'" 1 
ATOM   280 O "O2'" . U   A 1 13 ? -19.836 -0.644  4.018   1.00 72.73  ? 13  U   A "O2'" 1 
ATOM   281 C "C1'" . U   A 1 13 ? -18.375 -1.058  2.080   1.00 66.37  ? 13  U   A "C1'" 1 
ATOM   282 N N1    . U   A 1 13 ? -17.954 -0.292  0.897   1.00 59.26  ? 13  U   A N1    1 
ATOM   283 C C2    . U   A 1 13 ? -17.367 0.937   1.119   1.00 60.22  ? 13  U   A C2    1 
ATOM   284 O O2    . U   A 1 13 ? -17.170 1.382   2.237   1.00 60.53  ? 13  U   A O2    1 
ATOM   285 N N3    . U   A 1 13 ? -17.020 1.625   -0.019  1.00 59.05  ? 13  U   A N3    1 
ATOM   286 C C4    . U   A 1 13 ? -17.209 1.225   -1.327  1.00 52.82  ? 13  U   A C4    1 
ATOM   287 O O4    . U   A 1 13 ? -16.834 1.954   -2.242  1.00 62.69  ? 13  U   A O4    1 
ATOM   288 C C5    . U   A 1 13 ? -17.844 -0.047  -1.474  1.00 53.24  ? 13  U   A C5    1 
ATOM   289 C C6    . U   A 1 13 ? -18.200 -0.740  -0.385  1.00 57.19  ? 13  U   A C6    1 
ATOM   290 P P     . A   A 1 17 ? -18.292 7.567   -2.894  1.00 118.83 ? 17  A   A P     1 
ATOM   291 O OP1   . A   A 1 17 ? -18.759 8.716   -3.716  1.00 104.68 ? 17  A   A OP1   1 
ATOM   292 O OP2   . A   A 1 17 ? -18.102 6.233   -3.524  1.00 97.95  ? 17  A   A OP2   1 
ATOM   293 O "O5'" . A   A 1 17 ? -16.952 7.993   -2.141  1.00 111.83 ? 17  A   A "O5'" 1 
ATOM   294 C "C5'" . A   A 1 17 ? -16.159 9.116   -2.584  1.00 103.53 ? 17  A   A "C5'" 1 
ATOM   295 C "C4'" . A   A 1 17 ? -14.691 8.855   -2.338  1.00 102.31 ? 17  A   A "C4'" 1 
ATOM   296 O "O4'" . A   A 1 17 ? -14.528 8.095   -1.105  1.00 103.13 ? 17  A   A "O4'" 1 
ATOM   297 C "C3'" . A   A 1 17 ? -13.973 8.026   -3.404  1.00 103.44 ? 17  A   A "C3'" 1 
ATOM   298 O "O3'" . A   A 1 17 ? -12.582 8.322   -3.364  1.00 102.62 ? 17  A   A "O3'" 1 
ATOM   299 C "C2'" . A   A 1 17 ? -14.183 6.606   -2.895  1.00 101.88 ? 17  A   A "C2'" 1 
ATOM   300 O "O2'" . A   A 1 17 ? -13.302 5.639   -3.442  1.00 95.49  ? 17  A   A "O2'" 1 
ATOM   301 C "C1'" . A   A 1 17 ? -13.972 6.821   -1.397  1.00 94.90  ? 17  A   A "C1'" 1 
ATOM   302 N N9    . A   A 1 17 ? -14.605 5.834   -0.524  1.00 81.35  ? 17  A   A N9    1 
ATOM   303 C C8    . A   A 1 17 ? -15.226 4.653   -0.851  1.00 73.77  ? 17  A   A C8    1 
ATOM   304 N N7    . A   A 1 17 ? -15.697 4.000   0.184   1.00 72.77  ? 17  A   A N7    1 
ATOM   305 C C5    . A   A 1 17 ? -15.359 4.803   1.265   1.00 74.19  ? 17  A   A C5    1 
ATOM   306 C C6    . A   A 1 17 ? -15.566 4.665   2.648   1.00 74.05  ? 17  A   A C6    1 
ATOM   307 N N6    . A   A 1 17 ? -16.195 3.627   3.202   1.00 72.83  ? 17  A   A N6    1 
ATOM   308 N N1    . A   A 1 17 ? -15.099 5.644   3.455   1.00 75.59  ? 17  A   A N1    1 
ATOM   309 C C2    . A   A 1 17 ? -14.467 6.686   2.899   1.00 68.63  ? 17  A   A C2    1 
ATOM   310 N N3    . A   A 1 17 ? -14.201 6.921   1.616   1.00 69.86  ? 17  A   A N3    1 
ATOM   311 C C4    . A   A 1 17 ? -14.682 5.933   0.842   1.00 71.46  ? 17  A   A C4    1 
ATOM   312 P P     . G   A 1 18 ? -11.971 9.434   -4.327  1.00 99.23  ? 18  G   A P     1 
ATOM   313 O OP1   . G   A 1 18 ? -12.501 10.751  -3.902  1.00 95.55  ? 18  G   A OP1   1 
ATOM   314 O OP2   . G   A 1 18 ? -12.164 8.979   -5.730  1.00 100.94 ? 18  G   A OP2   1 
ATOM   315 O "O5'" . G   A 1 18 ? -10.417 9.368   -3.985  1.00 89.53  ? 18  G   A "O5'" 1 
ATOM   316 C "C5'" . G   A 1 18 ? -9.615  8.273   -4.461  1.00 74.92  ? 18  G   A "C5'" 1 
ATOM   317 C "C4'" . G   A 1 18 ? -8.226  8.361   -3.881  1.00 72.87  ? 18  G   A "C4'" 1 
ATOM   318 O "O4'" . G   A 1 18 ? -7.430  9.290   -4.671  1.00 70.76  ? 18  G   A "O4'" 1 
ATOM   319 C "C3'" . G   A 1 18 ? -8.131  8.854   -2.437  1.00 73.22  ? 18  G   A "C3'" 1 
ATOM   320 O "O3'" . G   A 1 18 ? -7.079  8.166   -1.771  1.00 80.86  ? 18  G   A "O3'" 1 
ATOM   321 C "C2'" . G   A 1 18 ? -7.697  10.305  -2.601  1.00 68.69  ? 18  G   A "C2'" 1 
ATOM   322 O "O2'" . G   A 1 18 ? -6.998  10.811  -1.485  1.00 57.69  ? 18  G   A "O2'" 1 
ATOM   323 C "C1'" . G   A 1 18 ? -6.767  10.179  -3.802  1.00 67.34  ? 18  G   A "C1'" 1 
ATOM   324 N N9    . G   A 1 18 ? -6.476  11.410  -4.526  1.00 65.00  ? 18  G   A N9    1 
ATOM   325 C C8    . G   A 1 18 ? -7.365  12.249  -5.153  1.00 64.27  ? 18  G   A C8    1 
ATOM   326 N N7    . G   A 1 18 ? -6.784  13.260  -5.743  1.00 67.09  ? 18  G   A N7    1 
ATOM   327 C C5    . G   A 1 18 ? -5.432  13.071  -5.498  1.00 67.32  ? 18  G   A C5    1 
ATOM   328 C C6    . G   A 1 18 ? -4.309  13.844  -5.888  1.00 74.04  ? 18  G   A C6    1 
ATOM   329 O O6    . G   A 1 18 ? -4.287  14.891  -6.545  1.00 86.78  ? 18  G   A O6    1 
ATOM   330 N N1    . G   A 1 18 ? -3.120  13.300  -5.412  1.00 71.81  ? 18  G   A N1    1 
ATOM   331 C C2    . G   A 1 18 ? -3.020  12.147  -4.668  1.00 70.61  ? 18  G   A C2    1 
ATOM   332 N N2    . G   A 1 18 ? -1.782  11.773  -4.312  1.00 69.23  ? 18  G   A N2    1 
ATOM   333 N N3    . G   A 1 18 ? -4.059  11.414  -4.304  1.00 68.58  ? 18  G   A N3    1 
ATOM   334 C C4    . G   A 1 18 ? -5.225  11.935  -4.744  1.00 66.26  ? 18  G   A C4    1 
ATOM   335 P P     . U   A 1 19 ? -7.378  6.835   -0.933  1.00 87.05  ? 19  U   A P     1 
ATOM   336 O OP1   . U   A 1 19 ? -6.068  6.229   -0.566  1.00 80.71  ? 19  U   A OP1   1 
ATOM   337 O OP2   . U   A 1 19 ? -8.382  6.034   -1.685  1.00 82.77  ? 19  U   A OP2   1 
ATOM   338 O "O5'" . U   A 1 19 ? -8.079  7.385   0.394   1.00 81.96  ? 19  U   A "O5'" 1 
ATOM   339 C "C5'" . U   A 1 19 ? -7.317  7.592   1.603   1.00 73.85  ? 19  U   A "C5'" 1 
ATOM   340 C "C4'" . U   A 1 19 ? -8.192  8.161   2.699   1.00 66.45  ? 19  U   A "C4'" 1 
ATOM   341 O "O4'" . U   A 1 19 ? -8.876  9.340   2.210   1.00 62.52  ? 19  U   A "O4'" 1 
ATOM   342 C "C3'" . U   A 1 19 ? -9.283  7.234   3.232   1.00 67.15  ? 19  U   A "C3'" 1 
ATOM   343 O "O3'" . U   A 1 19 ? -9.145  7.190   4.642   1.00 55.91  ? 19  U   A "O3'" 1 
ATOM   344 C "C2'" . U   A 1 19 ? -10.589 7.881   2.762   1.00 66.76  ? 19  U   A "C2'" 1 
ATOM   345 O "O2'" . U   A 1 19 ? -11.689 7.700   3.634   1.00 65.52  ? 19  U   A "O2'" 1 
ATOM   346 C "C1'" . U   A 1 19 ? -10.187 9.348   2.706   1.00 64.72  ? 19  U   A "C1'" 1 
ATOM   347 N N1    . U   A 1 19 ? -10.995 10.182  1.812   1.00 69.37  ? 19  U   A N1    1 
ATOM   348 C C2    . U   A 1 19 ? -11.660 11.257  2.370   1.00 71.47  ? 19  U   A C2    1 
ATOM   349 O O2    . U   A 1 19 ? -11.616 11.516  3.559   1.00 68.18  ? 19  U   A O2    1 
ATOM   350 N N3    . U   A 1 19 ? -12.364 12.026  1.478   1.00 75.99  ? 19  U   A N3    1 
ATOM   351 C C4    . U   A 1 19 ? -12.469 11.837  0.116   1.00 76.12  ? 19  U   A C4    1 
ATOM   352 O O4    . U   A 1 19 ? -13.151 12.616  -0.552  1.00 82.43  ? 19  U   A O4    1 
ATOM   353 C C5    . U   A 1 19 ? -11.743 10.709  -0.388  1.00 75.04  ? 19  U   A C5    1 
ATOM   354 C C6    . U   A 1 19 ? -11.036 9.948   0.455   1.00 72.70  ? 19  U   A C6    1 
ATOM   355 P P     . C   A 1 20 ? -8.200  6.098   5.283   1.00 62.06  ? 20  C   A P     1 
ATOM   356 O OP1   . C   A 1 20 ? -7.697  6.620   6.581   1.00 63.77  ? 20  C   A OP1   1 
ATOM   357 O OP2   . C   A 1 20 ? -7.258  5.630   4.251   1.00 67.86  ? 20  C   A OP2   1 
ATOM   358 O "O5'" . C   A 1 20 ? -9.206  4.912   5.610   1.00 53.70  ? 20  C   A "O5'" 1 
ATOM   359 C "C5'" . C   A 1 20 ? -9.937  4.984   6.824   1.00 54.92  ? 20  C   A "C5'" 1 
ATOM   360 C "C4'" . C   A 1 20 ? -10.955 3.888   6.855   1.00 53.46  ? 20  C   A "C4'" 1 
ATOM   361 O "O4'" . C   A 1 20 ? -12.089 4.251   6.022   1.00 52.20  ? 20  C   A "O4'" 1 
ATOM   362 C "C3'" . C   A 1 20 ? -10.505 2.548   6.305   1.00 48.32  ? 20  C   A "C3'" 1 
ATOM   363 O "O3'" . C   A 1 20 ? -9.698  1.906   7.292   1.00 46.92  ? 20  C   A "O3'" 1 
ATOM   364 C "C2'" . C   A 1 20 ? -11.856 1.908   6.032   1.00 49.82  ? 20  C   A "C2'" 1 
ATOM   365 O "O2'" . C   A 1 20 ? -12.464 1.497   7.239   1.00 43.57  ? 20  C   A "O2'" 1 
ATOM   366 C "C1'" . C   A 1 20 ? -12.614 3.087   5.413   1.00 51.33  ? 20  C   A "C1'" 1 
ATOM   367 N N1    . C   A 1 20 ? -12.450 3.213   3.950   1.00 51.90  ? 20  C   A N1    1 
ATOM   368 C C2    . C   A 1 20 ? -13.098 2.289   3.131   1.00 49.51  ? 20  C   A C2    1 
ATOM   369 O O2    . C   A 1 20 ? -13.775 1.393   3.661   1.00 52.44  ? 20  C   A O2    1 
ATOM   370 N N3    . C   A 1 20 ? -12.972 2.388   1.787   1.00 49.81  ? 20  C   A N3    1 
ATOM   371 C C4    . C   A 1 20 ? -12.245 3.376   1.258   1.00 45.17  ? 20  C   A C4    1 
ATOM   372 N N4    . C   A 1 20 ? -12.142 3.433   -0.070  1.00 47.44  ? 20  C   A N4    1 
ATOM   373 C C5    . C   A 1 20 ? -11.574 4.335   2.070   1.00 49.24  ? 20  C   A C5    1 
ATOM   374 C C6    . C   A 1 20 ? -11.707 4.222   3.398   1.00 48.41  ? 20  C   A C6    1 
ATOM   375 P P     . C   A 1 21 ? -8.477  0.935   6.887   1.00 51.56  ? 21  C   A P     1 
ATOM   376 O OP1   . C   A 1 21 ? -7.759  0.586   8.112   1.00 52.58  ? 21  C   A OP1   1 
ATOM   377 O OP2   . C   A 1 21 ? -7.727  1.549   5.755   1.00 48.86  ? 21  C   A OP2   1 
ATOM   378 O "O5'" . C   A 1 21 ? -9.220  -0.375  6.381   1.00 46.76  ? 21  C   A "O5'" 1 
ATOM   379 C "C5'" . C   A 1 21 ? -10.027 -1.106  7.295   1.00 50.84  ? 21  C   A "C5'" 1 
ATOM   380 C "C4'" . C   A 1 21 ? -10.619 -2.291  6.601   1.00 49.44  ? 21  C   A "C4'" 1 
ATOM   381 O "O4'" . C   A 1 21 ? -11.711 -1.860  5.741   1.00 52.49  ? 21  C   A "O4'" 1 
ATOM   382 C "C3'" . C   A 1 21 ? -9.690  -3.045  5.667   1.00 43.10  ? 21  C   A "C3'" 1 
ATOM   383 O "O3'" . C   A 1 21 ? -8.913  -3.952  6.432   1.00 50.87  ? 21  C   A "O3'" 1 
ATOM   384 C "C2'" . C   A 1 21 ? -10.701 -3.765  4.800   1.00 49.98  ? 21  C   A "C2'" 1 
ATOM   385 O "O2'" . C   A 1 21 ? -11.309 -4.858  5.463   1.00 51.14  ? 21  C   A "O2'" 1 
ATOM   386 C "C1'" . C   A 1 21 ? -11.713 -2.647  4.565   1.00 48.46  ? 21  C   A "C1'" 1 
ATOM   387 N N1    . C   A 1 21 ? -11.352 -1.799  3.409   1.00 46.33  ? 21  C   A N1    1 
ATOM   388 C C2    . C   A 1 21 ? -11.634 -2.294  2.134   1.00 44.43  ? 21  C   A C2    1 
ATOM   389 O O2    . C   A 1 21 ? -12.189 -3.402  2.031   1.00 44.76  ? 21  C   A O2    1 
ATOM   390 N N3    . C   A 1 21 ? -11.302 -1.559  1.049   1.00 43.94  ? 21  C   A N3    1 
ATOM   391 C C4    . C   A 1 21 ? -10.662 -0.398  1.203   1.00 42.48  ? 21  C   A C4    1 
ATOM   392 N N4    . C   A 1 21 ? -10.361 0.297   0.102   1.00 45.47  ? 21  C   A N4    1 
ATOM   393 C C5    . C   A 1 21 ? -10.341 0.121   2.494   1.00 42.44  ? 21  C   A C5    1 
ATOM   394 C C6    . C   A 1 21 ? -10.681 -0.617  3.557   1.00 41.74  ? 21  C   A C6    1 
ATOM   395 P P     . C   A 1 22 ? -7.403  -4.320  6.012   1.00 58.95  ? 22  C   A P     1 
ATOM   396 O OP1   . C   A 1 22 ? -6.788  -5.110  7.120   1.00 61.30  ? 22  C   A OP1   1 
ATOM   397 O OP2   . C   A 1 22 ? -6.718  -3.141  5.476   1.00 47.54  ? 22  C   A OP2   1 
ATOM   398 O "O5'" . C   A 1 22 ? -7.607  -5.255  4.755   1.00 48.88  ? 22  C   A "O5'" 1 
ATOM   399 C "C5'" . C   A 1 22 ? -8.286  -6.482  4.894   1.00 48.14  ? 22  C   A "C5'" 1 
ATOM   400 C "C4'" . C   A 1 22 ? -8.544  -7.003  3.520   1.00 47.48  ? 22  C   A "C4'" 1 
ATOM   401 O "O4'" . C   A 1 22 ? -9.369  -6.051  2.805   1.00 46.31  ? 22  C   A "O4'" 1 
ATOM   402 C "C3'" . C   A 1 22 ? -7.341  -7.131  2.591   1.00 43.28  ? 22  C   A "C3'" 1 
ATOM   403 O "O3'" . C   A 1 22 ? -6.567  -8.282  2.871   1.00 40.52  ? 22  C   A "O3'" 1 
ATOM   404 C "C2'" . C   A 1 22 ? -8.058  -7.275  1.259   1.00 40.73  ? 22  C   A "C2'" 1 
ATOM   405 O "O2'" . C   A 1 22 ? -8.697  -8.519  1.119   1.00 41.14  ? 22  C   A "O2'" 1 
ATOM   406 C "C1'" . C   A 1 22 ? -9.163  -6.228  1.407   1.00 42.41  ? 22  C   A "C1'" 1 
ATOM   407 N N1    . C   A 1 22 ? -8.805  -4.931  0.803   1.00 40.51  ? 22  C   A N1    1 
ATOM   408 C C2    . C   A 1 22 ? -8.845  -4.830  -0.592  1.00 35.70  ? 22  C   A C2    1 
ATOM   409 O O2    . C   A 1 22 ? -9.224  -5.810  -1.249  1.00 37.88  ? 22  C   A O2    1 
ATOM   410 N N3    . C   A 1 22 ? -8.526  -3.655  -1.179  1.00 35.63  ? 22  C   A N3    1 
ATOM   411 C C4    . C   A 1 22 ? -8.117  -2.628  -0.433  1.00 37.04  ? 22  C   A C4    1 
ATOM   412 N N4    . C   A 1 22 ? -7.807  -1.488  -1.055  1.00 36.24  ? 22  C   A N4    1 
ATOM   413 C C5    . C   A 1 22 ? -8.030  -2.715  0.990   1.00 39.66  ? 22  C   A C5    1 
ATOM   414 C C6    . C   A 1 22 ? -8.351  -3.886  1.557   1.00 36.59  ? 22  C   A C6    1 
ATOM   415 P P     . G   A 1 23 ? -4.997  -8.372  2.457   1.00 39.77  ? 23  G   A P     1 
ATOM   416 O OP1   . G   A 1 23 ? -4.435  -9.546  3.147   1.00 38.58  ? 23  G   A OP1   1 
ATOM   417 O OP2   . G   A 1 23 ? -4.359  -7.091  2.539   1.00 33.61  ? 23  G   A OP2   1 
ATOM   418 O "O5'" . G   A 1 23 ? -5.046  -8.667  0.887   1.00 34.98  ? 23  G   A "O5'" 1 
ATOM   419 C "C5'" . G   A 1 23 ? -5.539  -9.919  0.412   1.00 31.40  ? 23  G   A "C5'" 1 
ATOM   420 C "C4'" . G   A 1 23 ? -5.556  -9.945  -1.095  1.00 31.63  ? 23  G   A "C4'" 1 
ATOM   421 O "O4'" . G   A 1 23 ? -6.514  -8.990  -1.640  1.00 32.89  ? 23  G   A "O4'" 1 
ATOM   422 C "C3'" . G   A 1 23 ? -4.239  -9.567  -1.761  1.00 28.05  ? 23  G   A "C3'" 1 
ATOM   423 O "O3'" . G   A 1 23 ? -3.355  -10.670 -1.756  1.00 28.56  ? 23  G   A "O3'" 1 
ATOM   424 C "C2'" . G   A 1 23 ? -4.725  -9.257  -3.170  1.00 27.21  ? 23  G   A "C2'" 1 
ATOM   425 O "O2'" . G   A 1 23 ? -5.119  -10.406 -3.883  1.00 25.98  ? 23  G   A "O2'" 1 
ATOM   426 C "C1'" . G   A 1 23 ? -5.987  -8.452  -2.863  1.00 29.02  ? 23  G   A "C1'" 1 
ATOM   427 N N9    . G   A 1 23 ? -5.736  -7.017  -2.718  1.00 26.72  ? 23  G   A N9    1 
ATOM   428 C C8    . G   A 1 23 ? -5.629  -6.273  -1.568  1.00 26.15  ? 23  G   A C8    1 
ATOM   429 N N7    . G   A 1 23 ? -5.395  -5.006  -1.793  1.00 26.08  ? 23  G   A N7    1 
ATOM   430 C C5    . G   A 1 23 ? -5.356  -4.905  -3.178  1.00 28.22  ? 23  G   A C5    1 
ATOM   431 C C6    . G   A 1 23 ? -5.144  -3.778  -4.013  1.00 29.92  ? 23  G   A C6    1 
ATOM   432 O O6    . G   A 1 23 ? -4.945  -2.610  -3.684  1.00 29.26  ? 23  G   A O6    1 
ATOM   433 N N1    . G   A 1 23 ? -5.095  -4.140  -5.360  1.00 25.90  ? 23  G   A N1    1 
ATOM   434 C C2    . G   A 1 23 ? -5.325  -5.403  -5.844  1.00 25.16  ? 23  G   A C2    1 
ATOM   435 N N2    . G   A 1 23 ? -5.287  -5.556  -7.186  1.00 24.99  ? 23  G   A N2    1 
ATOM   436 N N3    . G   A 1 23 ? -5.569  -6.453  -5.077  1.00 29.83  ? 23  G   A N3    1 
ATOM   437 C C4    . G   A 1 23 ? -5.545  -6.138  -3.766  1.00 27.48  ? 23  G   A C4    1 
ATOM   438 P P     . U   A 1 24 ? -1.799  -10.412 -1.585  1.00 30.81  ? 24  U   A P     1 
ATOM   439 O OP1   . U   A 1 24 ? -1.162  -11.728 -1.534  1.00 29.43  ? 24  U   A OP1   1 
ATOM   440 O OP2   . U   A 1 24 ? -1.582  -9.361  -0.546  1.00 29.65  ? 24  U   A OP2   1 
ATOM   441 O "O5'" . U   A 1 24 ? -1.426  -9.714  -2.966  1.00 28.78  ? 24  U   A "O5'" 1 
ATOM   442 C "C5'" . U   A 1 24 ? -1.489  -10.461 -4.196  1.00 27.81  ? 24  U   A "C5'" 1 
ATOM   443 C "C4'" . U   A 1 24 ? -1.247  -9.525  -5.363  1.00 24.99  ? 24  U   A "C4'" 1 
ATOM   444 O "O4'" . U   A 1 24 ? -2.310  -8.540  -5.456  1.00 24.92  ? 24  U   A "O4'" 1 
ATOM   445 C "C3'" . U   A 1 24 ? 0.004   -8.668  -5.274  1.00 22.35  ? 24  U   A "C3'" 1 
ATOM   446 O "O3'" . U   A 1 24 ? 1.130   -9.476  -5.589  1.00 23.55  ? 24  U   A "O3'" 1 
ATOM   447 C "C2'" . U   A 1 24 ? -0.323  -7.593  -6.316  1.00 22.05  ? 24  U   A "C2'" 1 
ATOM   448 O "O2'" . U   A 1 24 ? -0.332  -8.041  -7.672  1.00 22.15  ? 24  U   A "O2'" 1 
ATOM   449 C "C1'" . U   A 1 24 ? -1.781  -7.309  -5.957  1.00 22.31  ? 24  U   A "C1'" 1 
ATOM   450 N N1    . U   A 1 24 ? -1.906  -6.253  -4.926  1.00 25.20  ? 24  U   A N1    1 
ATOM   451 C C2    . U   A 1 24 ? -1.813  -4.941  -5.372  1.00 25.45  ? 24  U   A C2    1 
ATOM   452 O O2    . U   A 1 24 ? -1.662  -4.661  -6.544  1.00 24.01  ? 24  U   A O2    1 
ATOM   453 N N3    . U   A 1 24 ? -1.909  -3.984  -4.391  1.00 24.24  ? 24  U   A N3    1 
ATOM   454 C C4    . U   A 1 24 ? -2.047  -4.194  -3.030  1.00 28.53  ? 24  U   A C4    1 
ATOM   455 O O4    . U   A 1 24 ? -2.075  -3.218  -2.258  1.00 26.71  ? 24  U   A O4    1 
ATOM   456 C C5    . U   A 1 24 ? -2.056  -5.574  -2.643  1.00 25.91  ? 24  U   A C5    1 
ATOM   457 C C6    . U   A 1 24 ? -1.990  -6.534  -3.581  1.00 25.41  ? 24  U   A C6    1 
ATOM   458 P P     . C   A 1 25 ? 2.569   -9.151  -4.981  1.00 24.08  ? 25  C   A P     1 
ATOM   459 O OP1   . C   A 1 25 ? 3.393   -10.314 -5.204  1.00 23.50  ? 25  C   A OP1   1 
ATOM   460 O OP2   . C   A 1 25 ? 2.444   -8.565  -3.628  1.00 23.90  ? 25  C   A OP2   1 
ATOM   461 O "O5'" . C   A 1 25 ? 3.122   -7.943  -5.879  1.00 25.26  ? 25  C   A "O5'" 1 
ATOM   462 C "C5'" . C   A 1 25 ? 3.341   -8.111  -7.280  1.00 23.58  ? 25  C   A "C5'" 1 
ATOM   463 C "C4'" . C   A 1 25 ? 3.437   -6.770  -7.996  1.00 23.45  ? 25  C   A "C4'" 1 
ATOM   464 O "O4'" . C   A 1 25 ? 2.191   -6.020  -7.817  1.00 26.14  ? 25  C   A "O4'" 1 
ATOM   465 C "C3'" . C   A 1 25 ? 4.513   -5.785  -7.560  1.00 23.29  ? 25  C   A "C3'" 1 
ATOM   466 O "O3'" . C   A 1 25 ? 5.796   -6.111  -8.072  1.00 20.64  ? 25  C   A "O3'" 1 
ATOM   467 C "C2'" . C   A 1 25 ? 3.955   -4.500  -8.159  1.00 23.91  ? 25  C   A "C2'" 1 
ATOM   468 O "O2'" . C   A 1 25 ? 4.071   -4.434  -9.582  1.00 23.10  ? 25  C   A "O2'" 1 
ATOM   469 C "C1'" . C   A 1 25 ? 2.479   -4.630  -7.799  1.00 24.35  ? 25  C   A "C1'" 1 
ATOM   470 N N1    . C   A 1 25 ? 2.113   -4.100  -6.450  1.00 23.70  ? 25  C   A N1    1 
ATOM   471 C C2    . C   A 1 25 ? 1.844   -2.741  -6.349  1.00 24.27  ? 25  C   A C2    1 
ATOM   472 O O2    . C   A 1 25 ? 1.964   -2.040  -7.363  1.00 24.20  ? 25  C   A O2    1 
ATOM   473 N N3    . C   A 1 25 ? 1.503   -2.216  -5.138  1.00 21.21  ? 25  C   A N3    1 
ATOM   474 C C4    . C   A 1 25 ? 1.388   -3.015  -4.078  1.00 24.55  ? 25  C   A C4    1 
ATOM   475 N N4    . C   A 1 25 ? 1.052   -2.462  -2.912  1.00 24.71  ? 25  C   A N4    1 
ATOM   476 C C5    . C   A 1 25 ? 1.664   -4.414  -4.155  1.00 24.24  ? 25  C   A C5    1 
ATOM   477 C C6    . C   A 1 25 ? 2.048   -4.903  -5.345  1.00 24.59  ? 25  C   A C6    1 
ATOM   478 P P     . C   A 1 26 ? 7.124   -5.843  -7.248  1.00 22.76  ? 26  C   A P     1 
ATOM   479 O OP1   . C   A 1 26 ? 8.208   -6.507  -7.954  1.00 19.82  ? 26  C   A OP1   1 
ATOM   480 O OP2   . C   A 1 26 ? 6.838   -6.150  -5.796  1.00 21.52  ? 26  C   A OP2   1 
ATOM   481 O "O5'" . C   A 1 26 ? 7.286   -4.252  -7.346  1.00 22.33  ? 26  C   A "O5'" 1 
ATOM   482 C "C5'" . C   A 1 26 ? 7.699   -3.698  -8.609  1.00 20.42  ? 26  C   A "C5'" 1 
ATOM   483 C "C4'" . C   A 1 26 ? 7.648   -2.184  -8.576  1.00 20.39  ? 26  C   A "C4'" 1 
ATOM   484 O "O4'" . C   A 1 26 ? 6.276   -1.698  -8.355  1.00 20.22  ? 26  C   A "O4'" 1 
ATOM   485 C "C3'" . C   A 1 26 ? 8.451   -1.430  -7.542  1.00 22.43  ? 26  C   A "C3'" 1 
ATOM   486 O "O3'" . C   A 1 26 ? 9.834   -1.467  -7.838  1.00 24.97  ? 26  C   A "O3'" 1 
ATOM   487 C "C2'" . C   A 1 26 ? 7.815   -0.066  -7.682  1.00 22.70  ? 26  C   A "C2'" 1 
ATOM   488 O "O2'" . C   A 1 26 ? 8.165   0.590   -8.904  1.00 24.93  ? 26  C   A "O2'" 1 
ATOM   489 C "C1'" . C   A 1 26 ? 6.339   -0.458  -7.683  1.00 21.05  ? 26  C   A "C1'" 1 
ATOM   490 N N1    . C   A 1 26 ? 5.753   -0.632  -6.330  1.00 21.01  ? 26  C   A N1    1 
ATOM   491 C C2    . C   A 1 26 ? 5.371   0.513   -5.628  1.00 21.03  ? 26  C   A C2    1 
ATOM   492 O O2    . C   A 1 26 ? 5.572   1.624   -6.144  1.00 22.23  ? 26  C   A O2    1 
ATOM   493 N N3    . C   A 1 26 ? 4.793   0.379   -4.407  1.00 21.73  ? 26  C   A N3    1 
ATOM   494 C C4    . C   A 1 26 ? 4.643   -0.834  -3.870  1.00 23.48  ? 26  C   A C4    1 
ATOM   495 N N4    . C   A 1 26 ? 4.113   -0.915  -2.642  1.00 22.25  ? 26  C   A N4    1 
ATOM   496 C C5    . C   A 1 26 ? 5.010   -2.021  -4.574  1.00 23.63  ? 26  C   A C5    1 
ATOM   497 C C6    . C   A 1 26 ? 5.571   -1.874  -5.784  1.00 22.35  ? 26  C   A C6    1 
ATOM   498 P P     . G   A 1 27 ? 10.950  -1.143  -6.753  1.00 24.96  ? 27  G   A P     1 
ATOM   499 O OP1   . G   A 1 27 ? 12.244  -1.371  -7.412  1.00 24.81  ? 27  G   A OP1   1 
ATOM   500 O OP2   . G   A 1 27 ? 10.650  -1.904  -5.516  1.00 24.89  ? 27  G   A OP2   1 
ATOM   501 O "O5'" . G   A 1 27 ? 10.822  0.399   -6.377  1.00 23.43  ? 27  G   A "O5'" 1 
ATOM   502 C "C5'" . G   A 1 27 ? 11.039  1.473   -7.326  1.00 23.64  ? 27  G   A "C5'" 1 
ATOM   503 C "C4'" . G   A 1 27 ? 10.623  2.776   -6.669  1.00 25.60  ? 27  G   A "C4'" 1 
ATOM   504 O "O4'" . G   A 1 27 ? 9.217   2.743   -6.304  1.00 26.11  ? 27  G   A "O4'" 1 
ATOM   505 C "C3'" . G   A 1 27 ? 11.300  3.101   -5.350  1.00 25.33  ? 27  G   A "C3'" 1 
ATOM   506 O "O3'" . G   A 1 27 ? 12.562  3.694   -5.528  1.00 26.00  ? 27  G   A "O3'" 1 
ATOM   507 C "C2'" . G   A 1 27 ? 10.359  4.156   -4.788  1.00 24.04  ? 27  G   A "C2'" 1 
ATOM   508 O "O2'" . G   A 1 27 ? 10.451  5.379   -5.490  1.00 26.11  ? 27  G   A "O2'" 1 
ATOM   509 C "C1'" . G   A 1 27 ? 9.013   3.509   -5.122  1.00 24.07  ? 27  G   A "C1'" 1 
ATOM   510 N N9    . G   A 1 27 ? 8.491   2.630   -4.074  1.00 21.48  ? 27  G   A N9    1 
ATOM   511 C C8    . G   A 1 27 ? 8.442   1.257   -4.072  1.00 22.52  ? 27  G   A C8    1 
ATOM   512 N N7    . G   A 1 27 ? 7.897   0.762   -2.989  1.00 22.54  ? 27  G   A N7    1 
ATOM   513 C C5    . G   A 1 27 ? 7.558   1.884   -2.235  1.00 22.09  ? 27  G   A C5    1 
ATOM   514 C C6    . G   A 1 27 ? 6.945   1.974   -0.962  1.00 24.73  ? 27  G   A C6    1 
ATOM   515 O O6    . G   A 1 27 ? 6.539   1.049   -0.233  1.00 21.99  ? 27  G   A O6    1 
ATOM   516 N N1    . G   A 1 27 ? 6.823   3.297   -0.543  1.00 23.03  ? 27  G   A N1    1 
ATOM   517 C C2    . G   A 1 27 ? 7.236   4.395   -1.265  1.00 21.39  ? 27  G   A C2    1 
ATOM   518 N N2    . G   A 1 27 ? 7.017   5.598   -0.691  1.00 23.20  ? 27  G   A N2    1 
ATOM   519 N N3    . G   A 1 27 ? 7.779   4.320   -2.477  1.00 22.30  ? 27  G   A N3    1 
ATOM   520 C C4    . G   A 1 27 ? 7.947   3.042   -2.875  1.00 24.01  ? 27  G   A C4    1 
ATOM   521 P P     . U   A 1 28 ? 13.742  3.291   -4.562  1.00 27.66  ? 28  U   A P     1 
ATOM   522 O OP1   . U   A 1 28 ? 14.964  3.891   -5.113  1.00 27.73  ? 28  U   A OP1   1 
ATOM   523 O OP2   . U   A 1 28 ? 13.638  1.903   -4.154  1.00 25.24  ? 28  U   A OP2   1 
ATOM   524 O "O5'" . U   A 1 28 ? 13.349  4.100   -3.243  1.00 26.73  ? 28  U   A "O5'" 1 
ATOM   525 C "C5'" . U   A 1 28 ? 13.303  5.531   -3.285  1.00 27.43  ? 28  U   A "C5'" 1 
ATOM   526 C "C4'" . U   A 1 28 ? 12.602  6.043   -2.043  1.00 27.74  ? 28  U   A "C4'" 1 
ATOM   527 O "O4'" . U   A 1 28 ? 11.234  5.511   -1.942  1.00 24.86  ? 28  U   A "O4'" 1 
ATOM   528 C "C3'" . U   A 1 28 ? 13.266  5.623   -0.740  1.00 25.41  ? 28  U   A "C3'" 1 
ATOM   529 O "O3'" . U   A 1 28 ? 14.325  6.552   -0.386  1.00 27.18  ? 28  U   A "O3'" 1 
ATOM   530 C "C2'" . U   A 1 28 ? 12.123  5.788   0.243   1.00 25.87  ? 28  U   A "C2'" 1 
ATOM   531 O "O2'" . U   A 1 28 ? 11.954  7.168   0.536   1.00 25.24  ? 28  U   A "O2'" 1 
ATOM   532 C "C1'" . U   A 1 28 ? 10.923  5.285   -0.574  1.00 24.88  ? 28  U   A "C1'" 1 
ATOM   533 N N1    . U   A 1 28 ? 10.637  3.851   -0.371  1.00 22.22  ? 28  U   A N1    1 
ATOM   534 C C2    . U   A 1 28 ? 9.901   3.512   0.757   1.00 24.53  ? 28  U   A C2    1 
ATOM   535 O O2    . U   A 1 28 ? 9.499   4.346   1.558   1.00 22.07  ? 28  U   A O2    1 
ATOM   536 N N3    . U   A 1 28 ? 9.667   2.165   0.916   1.00 23.26  ? 28  U   A N3    1 
ATOM   537 C C4    . U   A 1 28 ? 10.139  1.136   0.120   1.00 24.63  ? 28  U   A C4    1 
ATOM   538 O O4    . U   A 1 28 ? 9.815   -0.040  0.379   1.00 23.42  ? 28  U   A O4    1 
ATOM   539 C C5    . U   A 1 28 ? 10.877  1.573   -1.036  1.00 24.13  ? 28  U   A C5    1 
ATOM   540 C C6    . U   A 1 28 ? 11.158  2.876   -1.196  1.00 22.35  ? 28  U   A C6    1 
ATOM   541 P P     . U   A 1 29 ? 15.494  6.035   0.565   1.00 34.16  ? 29  U   A P     1 
ATOM   542 O OP1   . U   A 1 29 ? 16.635  6.935   0.414   1.00 36.90  ? 29  U   A OP1   1 
ATOM   543 O OP2   . U   A 1 29 ? 15.656  4.595   0.374   1.00 33.26  ? 29  U   A OP2   1 
ATOM   544 O "O5'" . U   A 1 29 ? 14.848  6.186   2.019   1.00 27.12  ? 29  U   A "O5'" 1 
ATOM   545 C "C5'" . U   A 1 29 ? 14.675  7.485   2.606   1.00 26.88  ? 29  U   A "C5'" 1 
ATOM   546 C "C4'" . U   A 1 29 ? 14.064  7.375   3.989   1.00 26.88  ? 29  U   A "C4'" 1 
ATOM   547 O "O4'" . U   A 1 29 ? 12.749  6.758   3.881   1.00 26.52  ? 29  U   A "O4'" 1 
ATOM   548 C "C3'" . U   A 1 29 ? 14.783  6.452   4.962   1.00 27.40  ? 29  U   A "C3'" 1 
ATOM   549 O "O3'" . U   A 1 29 ? 15.911  7.015   5.590   1.00 27.51  ? 29  U   A "O3'" 1 
ATOM   550 C "C2'" . U   A 1 29 ? 13.691  6.183   5.973   1.00 28.71  ? 29  U   A "C2'" 1 
ATOM   551 O "O2'" . U   A 1 29 ? 13.461  7.362   6.738   1.00 29.84  ? 29  U   A "O2'" 1 
ATOM   552 C "C1'" . U   A 1 29 ? 12.502  5.961   5.045   1.00 26.82  ? 29  U   A "C1'" 1 
ATOM   553 N N1    . U   A 1 29 ? 12.271  4.573   4.627   1.00 27.59  ? 29  U   A N1    1 
ATOM   554 C C2    . U   A 1 29 ? 11.565  3.751   5.490   1.00 26.92  ? 29  U   A C2    1 
ATOM   555 O O2    . U   A 1 29 ? 11.154  4.124   6.568   1.00 27.16  ? 29  U   A O2    1 
ATOM   556 N N3    . U   A 1 29 ? 11.350  2.485   5.028   1.00 25.08  ? 29  U   A N3    1 
ATOM   557 C C4    . U   A 1 29 ? 11.767  1.951   3.823   1.00 27.12  ? 29  U   A C4    1 
ATOM   558 O O4    . U   A 1 29 ? 11.439  0.799   3.519   1.00 26.97  ? 29  U   A O4    1 
ATOM   559 C C5    . U   A 1 29 ? 12.517  2.848   3.009   1.00 25.10  ? 29  U   A C5    1 
ATOM   560 C C6    . U   A 1 29 ? 12.720  4.101   3.417   1.00 25.88  ? 29  U   A C6    1 
ATOM   561 P P     . C   A 1 30 ? 17.154  6.089   5.945   1.00 33.80  ? 30  C   A P     1 
ATOM   562 O OP1   . C   A 1 30 ? 18.271  6.973   6.345   1.00 36.99  ? 30  C   A OP1   1 
ATOM   563 O OP2   . C   A 1 30 ? 17.322  5.046   4.931   1.00 33.84  ? 30  C   A OP2   1 
ATOM   564 O "O5'" . C   A 1 30 ? 16.644  5.294   7.244   1.00 29.16  ? 30  C   A "O5'" 1 
ATOM   565 C "C5'" . C   A 1 30 ? 16.324  6.049   8.455   1.00 27.35  ? 30  C   A "C5'" 1 
ATOM   566 C "C4'" . C   A 1 30 ? 15.646  5.153   9.486   1.00 24.95  ? 30  C   A "C4'" 1 
ATOM   567 O "O4'" . C   A 1 30 ? 14.366  4.696   8.966   1.00 28.48  ? 30  C   A "O4'" 1 
ATOM   568 C "C3'" . C   A 1 30 ? 16.366  3.857   9.840   1.00 24.21  ? 30  C   A "C3'" 1 
ATOM   569 O "O3'" . C   A 1 30 ? 17.432  4.066   10.779  1.00 25.63  ? 30  C   A "O3'" 1 
ATOM   570 C "C2'" . C   A 1 30 ? 15.227  3.080   10.474  1.00 24.85  ? 30  C   A "C2'" 1 
ATOM   571 O "O2'" . C   A 1 30 ? 14.876  3.549   11.750  1.00 26.87  ? 30  C   A "O2'" 1 
ATOM   572 C "C1'" . C   A 1 30 ? 14.081  3.392   9.511   1.00 25.54  ? 30  C   A "C1'" 1 
ATOM   573 N N1    . C   A 1 30 ? 13.968  2.401   8.418   1.00 25.81  ? 30  C   A N1    1 
ATOM   574 C C2    . C   A 1 30 ? 13.277  1.219   8.685   1.00 25.10  ? 30  C   A C2    1 
ATOM   575 O O2    . C   A 1 30 ? 12.729  1.087   9.785   1.00 30.01  ? 30  C   A O2    1 
ATOM   576 N N3    . C   A 1 30 ? 13.159  0.290   7.708   1.00 26.13  ? 30  C   A N3    1 
ATOM   577 C C4    . C   A 1 30 ? 13.770  0.474   6.536   1.00 27.63  ? 30  C   A C4    1 
ATOM   578 N N4    . C   A 1 30 ? 13.658  -0.478  5.621   1.00 32.70  ? 30  C   A N4    1 
ATOM   579 C C5    . C   A 1 30 ? 14.525  1.653   6.255   1.00 30.72  ? 30  C   A C5    1 
ATOM   580 C C6    . C   A 1 30 ? 14.626  2.565   7.231   1.00 27.06  ? 30  C   A C6    1 
ATOM   581 P P     . C   A 1 31 ? 18.733  3.174   10.761  1.00 26.90  ? 31  C   A P     1 
ATOM   582 O OP1   . C   A 1 31 ? 19.642  3.783   11.719  1.00 23.87  ? 31  C   A OP1   1 
ATOM   583 O OP2   . C   A 1 31 ? 19.119  2.957   9.357   1.00 24.00  ? 31  C   A OP2   1 
ATOM   584 O "O5'" . C   A 1 31 ? 18.240  1.779   11.381  1.00 24.19  ? 31  C   A "O5'" 1 
ATOM   585 C "C5'" . C   A 1 31 ? 17.746  1.763   12.722  1.00 24.13  ? 31  C   A "C5'" 1 
ATOM   586 C "C4'" . C   A 1 31 ? 17.121  0.428   13.081  1.00 23.62  ? 31  C   A "C4'" 1 
ATOM   587 O "O4'" . C   A 1 31 ? 15.931  0.199   12.269  1.00 23.16  ? 31  C   A "O4'" 1 
ATOM   588 C "C3'" . C   A 1 31 ? 17.964  -0.805  12.823  1.00 22.59  ? 31  C   A "C3'" 1 
ATOM   589 O "O3'" . C   A 1 31 ? 18.975  -0.933  13.814  1.00 29.64  ? 31  C   A "O3'" 1 
ATOM   590 C "C2'" . C   A 1 31 ? 16.884  -1.867  12.883  1.00 21.65  ? 31  C   A "C2'" 1 
ATOM   591 O "O2'" . C   A 1 31 ? 16.507  -2.157  14.207  1.00 25.67  ? 31  C   A "O2'" 1 
ATOM   592 C "C1'" . C   A 1 31 ? 15.772  -1.195  12.063  1.00 21.49  ? 31  C   A "C1'" 1 
ATOM   593 N N1    . C   A 1 31 ? 15.835  -1.516  10.615  1.00 21.66  ? 31  C   A N1    1 
ATOM   594 C C2    . C   A 1 31 ? 15.295  -2.757  10.236  1.00 22.76  ? 31  C   A C2    1 
ATOM   595 O O2    . C   A 1 31 ? 14.750  -3.458  11.114  1.00 24.31  ? 31  C   A O2    1 
ATOM   596 N N3    . C   A 1 31 ? 15.353  -3.143  8.940   1.00 23.13  ? 31  C   A N3    1 
ATOM   597 C C4    . C   A 1 31 ? 15.917  -2.342  8.030   1.00 21.23  ? 31  C   A C4    1 
ATOM   598 N N4    . C   A 1 31 ? 15.943  -2.761  6.759   1.00 23.07  ? 31  C   A N4    1 
ATOM   599 C C5    . C   A 1 31 ? 16.490  -1.074  8.385   1.00 22.96  ? 31  C   A C5    1 
ATOM   600 C C6    . C   A 1 31 ? 16.437  -0.711  9.683   1.00 22.71  ? 31  C   A C6    1 
HETATM 601 S S     . SO4 B 2 .  ? -1.635  -4.108  -13.345 0.33 29.27  ? 101 SO4 A S     1 
HETATM 602 O O1    . SO4 B 2 .  ? -0.890  -5.222  -12.789 0.33 26.85  ? 101 SO4 A O1    1 
HETATM 603 O O2    . SO4 B 2 .  ? -1.300  -2.909  -12.620 0.33 27.85  ? 101 SO4 A O2    1 
HETATM 604 O O3    . SO4 B 2 .  ? -1.324  -3.956  -14.744 0.33 28.26  ? 101 SO4 A O3    1 
HETATM 605 O O4    . SO4 B 2 .  ? -3.047  -4.387  -13.186 0.33 28.44  ? 101 SO4 A O4    1 
HETATM 606 N N1    . URA C 3 .  ? -20.413 2.831   0.325   1.00 76.62  ? 102 URA A N1    1 
HETATM 607 C C2    . URA C 3 .  ? -19.726 3.981   0.048   1.00 73.46  ? 102 URA A C2    1 
HETATM 608 O O2    . URA C 3 .  ? -19.349 4.754   0.921   1.00 74.69  ? 102 URA A O2    1 
HETATM 609 N N3    . URA C 3 .  ? -19.481 4.210   -1.280  1.00 73.83  ? 102 URA A N3    1 
HETATM 610 C C4    . URA C 3 .  ? -19.854 3.389   -2.327  1.00 72.12  ? 102 URA A C4    1 
HETATM 611 O O4    . URA C 3 .  ? -19.563 3.714   -3.476  1.00 71.15  ? 102 URA A O4    1 
HETATM 612 C C5    . URA C 3 .  ? -20.566 2.205   -1.942  1.00 68.42  ? 102 URA A C5    1 
HETATM 613 C C6    . URA C 3 .  ? -20.822 1.964   -0.644  1.00 73.61  ? 102 URA A C6    1 
HETATM 614 P P1    . DPO D 4 .  ? 14.577  -12.065 0.563   1.00 109.80 ? 103 DPO A P1    1 
HETATM 615 O O1    . DPO D 4 .  ? 15.945  -11.658 0.068   1.00 116.85 ? 103 DPO A O1    1 
HETATM 616 O O2    . DPO D 4 .  ? 13.777  -10.898 1.086   1.00 101.83 ? 103 DPO A O2    1 
HETATM 617 O O3    . DPO D 4 .  ? 13.810  -12.886 -0.454  1.00 109.74 ? 103 DPO A O3    1 
HETATM 618 O O4    . DPO D 4 .  ? 14.878  -13.047 1.820   1.00 102.58 ? 103 DPO A O4    1 
HETATM 619 P P2    . DPO D 4 .  ? 14.887  -12.837 3.409   1.00 86.44  ? 103 DPO A P2    1 
HETATM 620 O O5    . DPO D 4 .  ? 15.756  -13.863 4.082   1.00 71.69  ? 103 DPO A O5    1 
HETATM 621 O O6    . DPO D 4 .  ? 15.091  -11.380 3.674   1.00 85.16  ? 103 DPO A O6    1 
HETATM 622 O O7    . DPO D 4 .  ? 13.388  -13.265 3.747   1.00 63.85  ? 103 DPO A O7    1 
HETATM 623 O O     . HOH E 5 .  ? 8.950   -12.702 2.297   1.00 65.09  ? 201 HOH A O     1 
HETATM 624 O O     . HOH E 5 .  ? 2.299   -5.073  9.970   1.00 55.65  ? 202 HOH A O     1 
HETATM 625 O O     . HOH E 5 .  ? 2.320   -1.788  13.974  1.00 37.42  ? 203 HOH A O     1 
HETATM 626 O O     . HOH E 5 .  ? 11.152  -4.401  12.891  1.00 43.18  ? 204 HOH A O     1 
HETATM 627 O O     . HOH E 5 .  ? 4.821   -1.355  7.548   1.00 38.98  ? 205 HOH A O     1 
HETATM 628 O O     . HOH E 5 .  ? -10.752 6.273   -0.845  1.00 59.46  ? 206 HOH A O     1 
HETATM 629 O O     . HOH E 5 .  ? 2.329   -12.585 -5.831  1.00 30.54  ? 207 HOH A O     1 
HETATM 630 O O     . HOH E 5 .  ? 9.985   -8.149  -6.939  1.00 33.07  ? 208 HOH A O     1 
HETATM 631 O O     . HOH E 5 .  ? 5.502   -5.282  -3.687  1.00 44.66  ? 209 HOH A O     1 
HETATM 632 O O     . HOH E 5 .  ? 14.492  2.220   0.315   1.00 37.87  ? 210 HOH A O     1 
HETATM 633 O O     . HOH E 5 .  ? 3.357   1.164   -9.376  1.00 36.00  ? 211 HOH A O     1 
HETATM 634 O O     . HOH E 5 .  ? -1.115  -0.311  -13.768 1.00 22.58  ? 212 HOH A O     1 
HETATM 635 O O     . HOH E 5 .  ? 6.445   -1.577  0.115   1.00 37.42  ? 213 HOH A O     1 
HETATM 636 O O     . HOH E 5 .  ? -4.517  3.965   -7.739  1.00 31.72  ? 214 HOH A O     1 
HETATM 637 O O     . HOH E 5 .  ? 3.560   7.266   10.336  0.33 23.83  ? 215 HOH A O     1 
HETATM 638 O O     . HOH E 5 .  ? 11.044  -4.536  -5.662  1.00 38.71  ? 216 HOH A O     1 
HETATM 639 O O     . HOH E 5 .  ? 5.937   -1.284  4.841   1.00 29.55  ? 217 HOH A O     1 
HETATM 640 O O     . HOH E 5 .  ? -11.122 1.304   -14.678 1.00 42.02  ? 218 HOH A O     1 
HETATM 641 O O     . HOH E 5 .  ? -2.134  -0.249  -2.971  1.00 33.82  ? 219 HOH A O     1 
HETATM 642 O O     . HOH E 5 .  ? 16.251  4.843   13.656  0.33 25.86  ? 220 HOH A O     1 
HETATM 643 O O     . HOH E 5 .  ? -11.232 -7.296  -11.761 1.00 34.28  ? 221 HOH A O     1 
HETATM 644 O O     . HOH E 5 .  ? -2.658  2.105   -4.465  1.00 38.17  ? 222 HOH A O     1 
HETATM 645 O O     . HOH E 5 .  ? 16.537  -6.483  4.133   1.00 41.59  ? 223 HOH A O     1 
HETATM 646 O O     . HOH E 5 .  ? 4.508   -11.564 -3.073  1.00 38.31  ? 224 HOH A O     1 
HETATM 647 O O     . HOH E 5 .  ? 1.394   2.307   1.590   1.00 36.86  ? 225 HOH A O     1 
HETATM 648 O O     . HOH E 5 .  ? 12.778  9.510   -0.589  1.00 36.17  ? 226 HOH A O     1 
HETATM 649 O O     . HOH E 5 .  ? 16.288  3.243   3.155   1.00 44.20  ? 227 HOH A O     1 
HETATM 650 O O     . HOH E 5 .  ? 2.876   -1.951  -9.943  1.00 30.84  ? 228 HOH A O     1 
HETATM 651 O O     . HOH E 5 .  ? 8.281   -5.018  6.789   1.00 47.65  ? 229 HOH A O     1 
HETATM 652 O O     . HOH E 5 .  ? -0.684  3.169   -0.426  1.00 34.94  ? 230 HOH A O     1 
HETATM 653 O O     . HOH E 5 .  ? -0.758  -5.997  -9.467  1.00 32.44  ? 231 HOH A O     1 
HETATM 654 O O     . HOH E 5 .  ? -2.111  4.467   8.780   1.00 34.64  ? 232 HOH A O     1 
HETATM 655 O O     . HOH E 5 .  ? 2.766   11.090  4.431   1.00 30.28  ? 233 HOH A O     1 
HETATM 656 O O     . HOH E 5 .  ? 12.581  -9.469  11.940  1.00 40.66  ? 234 HOH A O     1 
HETATM 657 O O     . HOH E 5 .  ? 7.095   -8.849  -5.147  1.00 26.59  ? 235 HOH A O     1 
HETATM 658 O O     . HOH E 5 .  ? 10.193  -2.317  -1.191  1.00 38.75  ? 236 HOH A O     1 
HETATM 659 O O     . HOH E 5 .  ? 1.377   0.223   0.165   1.00 42.13  ? 237 HOH A O     1 
HETATM 660 O O     . HOH E 5 .  ? 13.224  -7.430  13.028  1.00 47.64  ? 238 HOH A O     1 
HETATM 661 O O     . HOH E 5 .  ? 8.624   -1.911  -3.464  1.00 36.45  ? 239 HOH A O     1 
HETATM 662 O O     . HOH E 5 .  ? -0.943  5.608   0.537   1.00 31.81  ? 240 HOH A O     1 
HETATM 663 O O     . HOH E 5 .  ? 1.455   8.529   -9.489  1.00 33.92  ? 241 HOH A O     1 
HETATM 664 O O     . HOH E 5 .  ? 20.999  4.842   8.432   1.00 47.11  ? 242 HOH A O     1 
HETATM 665 O O     . HOH E 5 .  ? 19.521  4.219   14.512  0.33 28.27  ? 243 HOH A O     1 
HETATM 666 O O     . HOH E 5 .  ? 7.765   -1.110  2.491   1.00 26.77  ? 244 HOH A O     1 
HETATM 667 O O     . HOH E 5 .  ? 3.499   3.977   -8.186  1.00 29.45  ? 245 HOH A O     1 
HETATM 668 O O     . HOH E 5 .  ? 2.744   0.846   6.327   1.00 35.04  ? 246 HOH A O     1 
HETATM 669 O O     . HOH E 5 .  ? -9.814  -2.483  -15.537 0.33 28.15  ? 247 HOH A O     1 
HETATM 670 O O     . HOH E 5 .  ? 5.995   -5.501  -11.400 0.33 25.45  ? 248 HOH A O     1 
HETATM 671 O O     . HOH E 5 .  ? -8.015  1.467   -6.846  1.00 39.41  ? 249 HOH A O     1 
HETATM 672 O O     . HOH E 5 .  ? 12.041  -0.531  -3.425  1.00 37.47  ? 250 HOH A O     1 
HETATM 673 O O     . HOH E 5 .  ? -2.270  -6.822  0.595   1.00 39.45  ? 251 HOH A O     1 
HETATM 674 O O     . HOH E 5 .  ? 0.058   7.935   9.419   0.33 26.63  ? 252 HOH A O     1 
HETATM 675 O O     . HOH E 5 .  ? 4.284   -3.515  -1.439  1.00 42.02  ? 253 HOH A O     1 
HETATM 676 O O     . HOH E 5 .  ? 9.657   -6.201  -10.442 0.33 21.96  ? 254 HOH A O     1 
HETATM 677 O O     . HOH E 5 .  ? 9.399   7.215   1.967   1.00 26.38  ? 255 HOH A O     1 
HETATM 678 O O     . HOH E 5 .  ? 17.880  9.517   4.980   1.00 36.08  ? 256 HOH A O     1 
HETATM 679 O O     . HOH E 5 .  ? -7.243  2.514   -9.566  1.00 33.06  ? 257 HOH A O     1 
HETATM 680 O O     . HOH E 5 .  ? 8.826   2.493   11.371  1.00 38.64  ? 258 HOH A O     1 
HETATM 681 O O     . HOH E 5 .  ? -7.789  -8.088  -6.066  1.00 32.80  ? 259 HOH A O     1 
HETATM 682 O O     . HOH E 5 .  ? 3.696   -0.720  3.694   1.00 33.29  ? 260 HOH A O     1 
HETATM 683 O O     . HOH E 5 .  ? -7.082  -3.005  -14.822 0.33 23.29  ? 261 HOH A O     1 
HETATM 684 O O     . HOH E 5 .  ? 15.292  0.126   3.232   1.00 46.84  ? 262 HOH A O     1 
HETATM 685 O O     . HOH E 5 .  ? 0.879   -4.625  -0.878  1.00 43.89  ? 263 HOH A O     1 
HETATM 686 O O     . HOH E 5 .  ? 7.782   6.840   -4.105  1.00 44.68  ? 264 HOH A O     1 
HETATM 687 O O     . HOH E 5 .  ? -1.790  -10.606 2.186   1.00 56.94  ? 265 HOH A O     1 
HETATM 688 O O     . HOH E 5 .  ? -10.974 10.041  6.533   0.33 38.74  ? 266 HOH A O     1 
HETATM 689 O O     . HOH E 5 .  ? 11.348  -5.104  -8.101  1.00 36.85  ? 267 HOH A O     1 
HETATM 690 O O     . HOH E 5 .  ? 2.654   -3.481  0.240   1.00 50.50  ? 268 HOH A O     1 
HETATM 691 O O     . HOH E 5 .  ? -1.781  7.596   6.914   1.00 46.69  ? 269 HOH A O     1 
HETATM 692 O O     . HOH E 5 .  ? 22.410  3.668   15.268  0.33 47.86  ? 270 HOH A O     1 
# 
